data_6MOM
#
_entry.id   6MOM
#
_cell.length_a   138.290
_cell.length_b   141.910
_cell.length_c   87.890
_cell.angle_alpha   90.000
_cell.angle_beta   126.220
_cell.angle_gamma   90.000
#
_symmetry.space_group_name_H-M   'C 1 2 1'
#
loop_
_entity.id
_entity.type
_entity.pdbx_description
1 polymer 'Interleukin-1 receptor-associated kinase 4'
2 non-polymer 6-[7-methoxy-6-(1-methyl-1H-pyrazol-4-yl)imidazo[1,2-a]pyridin-3-yl]-N-[(3R)-pyrrolidin-3-yl]pyridin-2-amine
3 non-polymer 1,2-ETHANEDIOL
4 water water
#
_entity_poly.entity_id   1
_entity_poly.type   'polypeptide(L)'
_entity_poly.pdbx_seq_one_letter_code
;GSVSDTRFHSFSFYELKNVTNNFDERPISVGGNKMGEGGFGVVYKGYVNNTTVAVKKLAAMVDITTEELKQQFDQEIKVM
AKCQHENLVELLGFSSDGDDLCLVYVYMPNGSLLDRLSCLDGTPPLSWHMRCKIAQGAANGINFLHENHHIHRDIKSANI
LLDEAFTAKISDFGLARASEKFAQ(TPO)VM(TPO)(SEP)RIVGTTAYMAPEALRGEITPKSDIYSFGVVLLEIITGLP
AVDEHREPQLLLDIKEEIEDEEKTIEDYIDKKMNDADSTSVEAMYSVASQCLHEKKNKRPDIKKVQQLLQEMTAS
;
_entity_poly.pdbx_strand_id   A,B,C,D
#
loop_
_chem_comp.id
_chem_comp.type
_chem_comp.name
_chem_comp.formula
EDO non-polymer 1,2-ETHANEDIOL 'C2 H6 O2'
JX4 non-polymer 6-[7-methoxy-6-(1-methyl-1H-pyrazol-4-yl)imidazo[1,2-a]pyridin-3-yl]-N-[(3R)-pyrrolidin-3-yl]pyridin-2-amine 'C21 H23 N7 O'
#
# COMPACT_ATOMS: atom_id res chain seq x y z
N ARG A 7 -18.63 45.10 -3.03
CA ARG A 7 -17.42 44.32 -2.78
C ARG A 7 -17.56 42.87 -3.28
N PHE A 8 -18.69 42.25 -2.97
CA PHE A 8 -18.98 40.88 -3.35
C PHE A 8 -19.97 40.83 -4.53
N HIS A 9 -19.98 39.68 -5.22
CA HIS A 9 -20.82 39.51 -6.40
C HIS A 9 -22.24 39.09 -6.05
N SER A 10 -23.21 39.78 -6.64
CA SER A 10 -24.63 39.48 -6.41
C SER A 10 -25.13 38.50 -7.48
N PHE A 11 -25.46 37.28 -7.04
CA PHE A 11 -26.08 36.28 -7.91
C PHE A 11 -27.59 36.37 -7.82
N SER A 12 -28.28 35.99 -8.89
CA SER A 12 -29.69 35.72 -8.75
C SER A 12 -29.84 34.29 -8.23
N PHE A 13 -30.91 34.05 -7.48
CA PHE A 13 -31.07 32.73 -6.88
C PHE A 13 -31.05 31.62 -7.92
N TYR A 14 -31.64 31.86 -9.09
CA TYR A 14 -31.74 30.80 -10.10
C TYR A 14 -30.35 30.37 -10.60
N GLU A 15 -29.41 31.30 -10.73
CA GLU A 15 -28.03 30.94 -11.07
C GLU A 15 -27.47 29.89 -10.12
N LEU A 16 -27.60 30.14 -8.82
CA LEU A 16 -27.04 29.20 -7.84
C LEU A 16 -27.83 27.90 -7.84
N LYS A 17 -29.14 27.98 -8.08
CA LYS A 17 -29.93 26.78 -8.34
C LYS A 17 -29.36 25.98 -9.50
N ASN A 18 -29.12 26.63 -10.65
CA ASN A 18 -28.68 25.88 -11.83
C ASN A 18 -27.32 25.23 -11.60
N VAL A 19 -26.40 25.91 -10.91
CA VAL A 19 -25.03 25.41 -10.84
C VAL A 19 -24.84 24.38 -9.74
N THR A 20 -25.86 24.15 -8.92
CA THR A 20 -25.83 23.14 -7.86
C THR A 20 -26.75 21.99 -8.21
N ASN A 21 -27.03 21.80 -9.50
CA ASN A 21 -27.97 20.79 -10.00
C ASN A 21 -29.30 20.90 -9.28
N ASN A 22 -29.83 22.13 -9.24
CA ASN A 22 -31.08 22.45 -8.55
C ASN A 22 -30.98 22.10 -7.06
N PHE A 23 -29.89 22.53 -6.42
CA PHE A 23 -29.62 22.25 -5.00
C PHE A 23 -29.88 20.79 -4.66
N ASP A 24 -29.22 19.92 -5.42
CA ASP A 24 -29.37 18.47 -5.32
C ASP A 24 -29.03 18.01 -3.92
N GLU A 25 -30.04 17.52 -3.19
CA GLU A 25 -29.89 17.20 -1.78
C GLU A 25 -29.13 15.90 -1.55
N ARG A 26 -28.90 15.10 -2.57
CA ARG A 26 -28.16 13.87 -2.36
C ARG A 26 -26.72 14.18 -1.97
N PRO A 27 -26.12 13.34 -1.13
CA PRO A 27 -24.71 13.54 -0.76
C PRO A 27 -23.80 13.49 -1.98
N ILE A 28 -22.62 14.11 -1.83
CA ILE A 28 -21.60 14.09 -2.87
C ILE A 28 -21.30 12.66 -3.30
N SER A 29 -21.12 11.76 -2.31
CA SER A 29 -20.71 10.39 -2.60
C SER A 29 -21.71 9.64 -3.47
N VAL A 30 -22.97 10.08 -3.48
CA VAL A 30 -24.01 9.44 -4.28
C VAL A 30 -24.22 10.14 -5.62
N GLY A 31 -23.52 11.25 -5.87
CA GLY A 31 -23.67 11.99 -7.09
C GLY A 31 -24.43 13.30 -6.95
N GLY A 32 -24.82 13.69 -5.75
CA GLY A 32 -25.52 14.92 -5.52
C GLY A 32 -24.57 16.07 -5.26
N ASN A 33 -25.12 17.15 -4.69
CA ASN A 33 -24.35 18.37 -4.49
C ASN A 33 -24.28 18.82 -3.04
N LYS A 34 -24.97 18.13 -2.12
CA LYS A 34 -24.97 18.51 -0.71
C LYS A 34 -23.69 18.01 -0.06
N MET A 35 -22.90 18.93 0.49
CA MET A 35 -21.69 18.56 1.23
C MET A 35 -21.94 18.40 2.72
N GLY A 36 -22.85 19.19 3.29
CA GLY A 36 -23.13 19.08 4.70
C GLY A 36 -23.99 20.22 5.16
N GLU A 37 -24.22 20.24 6.48
CA GLU A 37 -25.03 21.25 7.14
C GLU A 37 -24.29 21.79 8.36
N GLY A 38 -24.51 23.05 8.65
CA GLY A 38 -23.92 23.67 9.82
C GLY A 38 -23.95 25.16 9.67
N GLY A 39 -23.74 25.85 10.80
CA GLY A 39 -23.83 27.30 10.78
C GLY A 39 -25.16 27.81 10.26
N PHE A 40 -26.24 27.09 10.59
CA PHE A 40 -27.61 27.49 10.24
C PHE A 40 -27.84 27.53 8.74
N GLY A 41 -27.15 26.65 8.01
CA GLY A 41 -27.35 26.51 6.59
C GLY A 41 -26.94 25.13 6.14
N VAL A 42 -27.29 24.83 4.89
CA VAL A 42 -26.87 23.61 4.20
C VAL A 42 -25.94 24.05 3.08
N VAL A 43 -24.80 23.37 2.95
CA VAL A 43 -23.76 23.82 2.03
C VAL A 43 -23.68 22.85 0.86
N TYR A 44 -23.71 23.41 -0.34
CA TYR A 44 -23.74 22.64 -1.59
C TYR A 44 -22.51 22.94 -2.42
N LYS A 45 -22.10 21.96 -3.20
CA LYS A 45 -21.04 22.14 -4.16
C LYS A 45 -21.64 22.67 -5.46
N GLY A 46 -21.02 23.68 -6.03
CA GLY A 46 -21.47 24.23 -7.28
C GLY A 46 -20.28 24.43 -8.21
N TYR A 47 -20.59 24.67 -9.48
CA TYR A 47 -19.58 24.90 -10.50
C TYR A 47 -20.01 26.12 -11.28
N VAL A 48 -19.18 27.15 -11.24
CA VAL A 48 -19.45 28.43 -11.89
C VAL A 48 -18.26 28.73 -12.77
N ASN A 49 -18.46 28.74 -14.08
CA ASN A 49 -17.40 29.09 -15.01
C ASN A 49 -16.15 28.24 -14.78
N ASN A 50 -16.33 26.92 -14.77
CA ASN A 50 -15.25 25.94 -14.60
C ASN A 50 -14.53 26.04 -13.26
N THR A 51 -15.11 26.74 -12.29
CA THR A 51 -14.57 26.89 -10.94
C THR A 51 -15.51 26.22 -9.94
N THR A 52 -14.95 25.41 -9.04
CA THR A 52 -15.75 24.86 -7.94
C THR A 52 -15.98 25.90 -6.86
N VAL A 53 -17.22 26.00 -6.39
CA VAL A 53 -17.56 26.91 -5.30
C VAL A 53 -18.38 26.14 -4.27
N ALA A 54 -18.48 26.71 -3.06
CA ALA A 54 -19.40 26.23 -2.04
C ALA A 54 -20.52 27.25 -1.89
N VAL A 55 -21.75 26.76 -1.86
CA VAL A 55 -22.95 27.60 -1.75
C VAL A 55 -23.63 27.23 -0.45
N LYS A 56 -23.66 28.16 0.49
CA LYS A 56 -24.35 27.95 1.76
C LYS A 56 -25.74 28.56 1.61
N LYS A 57 -26.78 27.72 1.71
CA LYS A 57 -28.15 28.19 1.64
C LYS A 57 -28.71 28.21 3.05
N LEU A 58 -29.12 29.38 3.52
CA LEU A 58 -29.58 29.52 4.90
C LEU A 58 -30.94 28.87 5.05
N ALA A 59 -31.10 28.04 6.08
CA ALA A 59 -32.33 27.27 6.28
C ALA A 59 -33.24 27.97 7.27
N THR A 65 -36.14 32.28 13.31
CA THR A 65 -37.07 33.34 12.91
C THR A 65 -36.66 33.91 11.56
N THR A 66 -37.56 34.64 10.91
CA THR A 66 -37.24 35.25 9.62
C THR A 66 -36.26 36.41 9.77
N GLU A 67 -36.52 37.31 10.72
CA GLU A 67 -35.62 38.44 10.92
C GLU A 67 -34.26 37.97 11.42
N GLU A 68 -34.25 36.93 12.26
CA GLU A 68 -32.99 36.39 12.77
C GLU A 68 -32.14 35.78 11.66
N LEU A 69 -32.76 35.16 10.66
CA LEU A 69 -32.02 34.57 9.55
C LEU A 69 -31.38 35.63 8.66
N LYS A 70 -32.12 36.71 8.38
CA LYS A 70 -31.56 37.82 7.62
C LYS A 70 -30.42 38.48 8.38
N GLN A 71 -30.56 38.59 9.72
CA GLN A 71 -29.51 39.17 10.54
C GLN A 71 -28.24 38.33 10.47
N GLN A 72 -28.38 37.00 10.50
CA GLN A 72 -27.20 36.14 10.34
C GLN A 72 -26.56 36.30 8.97
N PHE A 73 -27.39 36.50 7.94
CA PHE A 73 -26.90 36.74 6.59
C PHE A 73 -26.10 38.03 6.53
N ASP A 74 -26.69 39.13 7.00
CA ASP A 74 -25.98 40.40 7.03
C ASP A 74 -24.72 40.33 7.88
N GLN A 75 -24.75 39.56 8.98
CA GLN A 75 -23.58 39.46 9.83
C GLN A 75 -22.46 38.71 9.14
N GLU A 76 -22.81 37.65 8.40
CA GLU A 76 -21.81 36.91 7.64
CA GLU A 76 -21.80 36.92 7.64
C GLU A 76 -21.14 37.81 6.61
N ILE A 77 -21.89 38.75 6.02
CA ILE A 77 -21.35 39.60 4.96
C ILE A 77 -20.49 40.71 5.55
N LYS A 78 -20.94 41.32 6.66
CA LYS A 78 -20.19 42.42 7.27
C LYS A 78 -18.82 41.95 7.75
N VAL A 79 -18.74 40.78 8.37
CA VAL A 79 -17.46 40.27 8.84
C VAL A 79 -16.52 40.03 7.66
N MET A 80 -17.04 39.47 6.57
CA MET A 80 -16.19 39.15 5.43
C MET A 80 -15.74 40.41 4.70
N ALA A 81 -16.54 41.47 4.74
CA ALA A 81 -16.14 42.72 4.11
C ALA A 81 -15.01 43.39 4.89
N LYS A 82 -15.04 43.27 6.23
CA LYS A 82 -14.02 43.85 7.08
C LYS A 82 -12.84 42.92 7.29
N CYS A 83 -13.04 41.61 7.14
CA CYS A 83 -12.04 40.63 7.52
C CYS A 83 -11.60 39.76 6.33
N GLN A 84 -10.51 40.19 5.68
CA GLN A 84 -9.77 39.37 4.74
CA GLN A 84 -9.77 39.37 4.74
C GLN A 84 -8.53 38.83 5.44
N HIS A 85 -8.35 37.52 5.41
CA HIS A 85 -7.22 36.95 6.14
C HIS A 85 -6.94 35.56 5.61
N GLU A 86 -5.68 35.15 5.74
CA GLU A 86 -5.28 33.84 5.24
C GLU A 86 -6.01 32.70 5.94
N ASN A 87 -6.48 32.91 7.17
CA ASN A 87 -7.12 31.84 7.93
C ASN A 87 -8.60 32.06 8.15
N LEU A 88 -9.23 32.79 7.25
CA LEU A 88 -10.69 32.89 7.17
C LEU A 88 -11.13 32.46 5.78
N VAL A 89 -12.23 31.72 5.69
CA VAL A 89 -12.77 31.39 4.37
C VAL A 89 -13.10 32.69 3.65
N GLU A 90 -13.08 32.63 2.32
CA GLU A 90 -13.26 33.80 1.48
C GLU A 90 -14.63 33.80 0.84
N LEU A 91 -15.41 34.85 1.07
CA LEU A 91 -16.71 35.00 0.44
C LEU A 91 -16.54 35.53 -0.99
N LEU A 92 -17.17 34.87 -1.95
CA LEU A 92 -17.17 35.36 -3.32
C LEU A 92 -18.41 36.15 -3.67
N GLY A 93 -19.56 35.82 -3.08
CA GLY A 93 -20.78 36.50 -3.45
C GLY A 93 -21.95 35.94 -2.69
N PHE A 94 -23.15 36.32 -3.12
CA PHE A 94 -24.35 36.01 -2.36
C PHE A 94 -25.56 36.13 -3.27
N SER A 95 -26.70 35.66 -2.75
CA SER A 95 -27.98 35.89 -3.41
CA SER A 95 -27.99 35.86 -3.41
C SER A 95 -29.01 36.18 -2.34
N SER A 96 -29.83 37.20 -2.58
CA SER A 96 -30.85 37.61 -1.63
C SER A 96 -32.22 37.80 -2.27
N ASP A 97 -32.33 37.69 -3.59
CA ASP A 97 -33.62 37.60 -4.24
C ASP A 97 -34.23 36.23 -3.96
N GLY A 98 -35.54 36.17 -4.07
CA GLY A 98 -36.20 34.93 -3.76
C GLY A 98 -36.42 34.75 -2.28
N ASP A 99 -36.75 33.51 -1.91
CA ASP A 99 -37.11 33.18 -0.55
C ASP A 99 -35.96 32.56 0.24
N ASP A 100 -34.85 32.22 -0.40
CA ASP A 100 -33.73 31.57 0.27
C ASP A 100 -32.45 32.39 0.09
N LEU A 101 -31.83 32.75 1.21
CA LEU A 101 -30.57 33.51 1.24
C LEU A 101 -29.39 32.57 1.02
N CYS A 102 -28.48 32.93 0.11
CA CYS A 102 -27.32 32.12 -0.19
C CYS A 102 -26.02 32.93 -0.12
N LEU A 103 -24.96 32.26 0.31
CA LEU A 103 -23.61 32.82 0.36
C LEU A 103 -22.67 31.92 -0.42
N VAL A 104 -21.83 32.50 -1.27
CA VAL A 104 -20.95 31.72 -2.15
C VAL A 104 -19.50 31.94 -1.73
N TYR A 105 -18.76 30.83 -1.53
CA TYR A 105 -17.42 30.85 -0.96
C TYR A 105 -16.42 30.14 -1.88
N VAL A 106 -15.14 30.53 -1.72
CA VAL A 106 -14.06 29.75 -2.31
C VAL A 106 -14.11 28.33 -1.75
N TYR A 107 -13.99 27.35 -2.64
CA TYR A 107 -14.11 25.94 -2.28
C TYR A 107 -12.86 25.46 -1.54
N MET A 108 -13.06 24.77 -0.41
CA MET A 108 -11.97 24.22 0.39
C MET A 108 -11.93 22.70 0.20
N PRO A 109 -11.04 22.18 -0.66
CA PRO A 109 -11.22 20.79 -1.13
C PRO A 109 -11.00 19.73 -0.05
N ASN A 110 -10.30 20.03 1.04
CA ASN A 110 -10.07 19.03 2.05
C ASN A 110 -11.06 19.10 3.21
N GLY A 111 -12.15 19.87 3.04
CA GLY A 111 -13.28 19.73 3.96
C GLY A 111 -12.95 20.22 5.36
N SER A 112 -13.69 19.68 6.33
CA SER A 112 -13.60 20.19 7.69
C SER A 112 -12.53 19.46 8.49
N LEU A 113 -11.95 20.19 9.44
CA LEU A 113 -11.03 19.58 10.39
C LEU A 113 -11.68 18.42 11.13
N LEU A 114 -12.97 18.55 11.46
CA LEU A 114 -13.68 17.46 12.12
C LEU A 114 -13.56 16.16 11.34
N ASP A 115 -13.86 16.22 10.04
CA ASP A 115 -13.85 15.01 9.21
C ASP A 115 -12.44 14.51 8.90
N ARG A 116 -11.46 15.41 8.82
CA ARG A 116 -10.12 14.90 8.58
C ARG A 116 -9.52 14.27 9.82
N LEU A 117 -9.93 14.74 11.01
CA LEU A 117 -9.50 14.09 12.23
C LEU A 117 -10.16 12.72 12.40
N SER A 118 -11.39 12.56 11.90
CA SER A 118 -12.00 11.24 11.98
C SER A 118 -11.64 10.37 10.78
N CYS A 119 -10.92 10.92 9.79
CA CYS A 119 -10.55 10.19 8.58
C CYS A 119 -11.77 9.73 7.80
N LEU A 120 -12.84 10.51 7.88
CA LEU A 120 -14.08 10.21 7.17
C LEU A 120 -13.80 9.99 5.70
N ASP A 121 -14.47 8.99 5.12
CA ASP A 121 -14.34 8.56 3.74
C ASP A 121 -12.98 7.98 3.45
N GLY A 122 -12.18 7.68 4.46
CA GLY A 122 -10.93 6.99 4.24
C GLY A 122 -9.75 7.88 3.94
N THR A 123 -9.82 9.16 4.26
CA THR A 123 -8.67 10.02 4.03
C THR A 123 -7.57 9.70 5.02
N PRO A 124 -6.30 9.88 4.63
CA PRO A 124 -5.21 9.47 5.52
C PRO A 124 -5.14 10.34 6.75
N PRO A 125 -4.68 9.78 7.89
CA PRO A 125 -4.61 10.57 9.13
C PRO A 125 -3.67 11.77 9.01
N LEU A 126 -4.06 12.89 9.64
CA LEU A 126 -3.19 14.07 9.70
C LEU A 126 -1.97 13.80 10.58
N SER A 127 -0.80 14.16 10.09
CA SER A 127 0.39 14.04 10.92
C SER A 127 0.38 15.10 12.03
N TRP A 128 1.25 14.90 13.03
CA TRP A 128 1.46 15.90 14.06
C TRP A 128 1.96 17.22 13.48
N HIS A 129 2.87 17.15 12.51
CA HIS A 129 3.39 18.37 11.89
C HIS A 129 2.25 19.17 11.23
N MET A 130 1.38 18.49 10.48
CA MET A 130 0.23 19.17 9.90
C MET A 130 -0.70 19.72 10.98
N ARG A 131 -0.91 18.95 12.05
CA ARG A 131 -1.82 19.38 13.12
C ARG A 131 -1.33 20.67 13.79
N CYS A 132 -0.01 20.80 13.96
CA CYS A 132 0.55 22.02 14.53
C CYS A 132 0.29 23.24 13.64
N LYS A 133 0.44 23.07 12.31
CA LYS A 133 0.17 24.19 11.41
C LYS A 133 -1.31 24.54 11.40
N ILE A 134 -2.17 23.53 11.52
CA ILE A 134 -3.60 23.79 11.59
C ILE A 134 -3.94 24.54 12.88
N ALA A 135 -3.38 24.10 14.01
CA ALA A 135 -3.68 24.80 15.26
C ALA A 135 -3.21 26.25 15.19
N GLN A 136 -2.02 26.48 14.66
CA GLN A 136 -1.51 27.84 14.56
C GLN A 136 -2.36 28.68 13.62
N GLY A 137 -2.74 28.12 12.47
CA GLY A 137 -3.53 28.88 11.52
C GLY A 137 -4.88 29.26 12.07
N ALA A 138 -5.57 28.30 12.69
CA ALA A 138 -6.85 28.58 13.32
C ALA A 138 -6.72 29.66 14.39
N ALA A 139 -5.68 29.59 15.22
CA ALA A 139 -5.46 30.64 16.19
C ALA A 139 -5.25 31.97 15.51
N ASN A 140 -4.53 31.98 14.37
CA ASN A 140 -4.31 33.23 13.66
C ASN A 140 -5.62 33.80 13.13
N GLY A 141 -6.52 32.93 12.70
CA GLY A 141 -7.83 33.39 12.23
C GLY A 141 -8.67 34.00 13.32
N ILE A 142 -8.75 33.31 14.48
CA ILE A 142 -9.50 33.86 15.61
C ILE A 142 -8.88 35.17 16.07
N ASN A 143 -7.56 35.24 16.12
CA ASN A 143 -6.91 36.49 16.50
C ASN A 143 -7.34 37.61 15.59
N PHE A 144 -7.41 37.34 14.29
CA PHE A 144 -7.82 38.37 13.36
C PHE A 144 -9.25 38.84 13.63
N LEU A 145 -10.14 37.91 13.95
CA LEU A 145 -11.51 38.29 14.29
C LEU A 145 -11.53 39.17 15.54
N HIS A 146 -10.84 38.74 16.60
CA HIS A 146 -10.90 39.49 17.85
C HIS A 146 -10.26 40.87 17.71
N GLU A 147 -9.17 40.96 16.94
CA GLU A 147 -8.55 42.27 16.67
C GLU A 147 -9.50 43.21 15.95
N ASN A 148 -10.36 42.67 15.09
CA ASN A 148 -11.37 43.46 14.44
C ASN A 148 -12.67 43.49 15.21
N HIS A 149 -12.59 43.19 16.52
CA HIS A 149 -13.70 43.43 17.45
C HIS A 149 -14.93 42.59 17.10
N HIS A 150 -14.70 41.31 16.75
CA HIS A 150 -15.78 40.35 16.55
C HIS A 150 -15.61 39.12 17.43
N ILE A 151 -16.73 38.68 18.00
CA ILE A 151 -16.84 37.41 18.71
C ILE A 151 -17.41 36.39 17.73
N HIS A 152 -16.82 35.20 17.64
CA HIS A 152 -17.28 34.24 16.64
C HIS A 152 -18.54 33.52 17.11
N ARG A 153 -18.51 32.96 18.31
CA ARG A 153 -19.60 32.29 19.03
C ARG A 153 -19.93 30.89 18.51
N ASP A 154 -19.19 30.36 17.54
CA ASP A 154 -19.48 29.01 17.06
C ASP A 154 -18.18 28.32 16.64
N ILE A 155 -17.13 28.49 17.44
CA ILE A 155 -15.84 27.87 17.13
CA ILE A 155 -15.85 27.88 17.11
C ILE A 155 -15.93 26.39 17.42
N LYS A 156 -15.58 25.58 16.42
CA LYS A 156 -15.57 24.13 16.54
C LYS A 156 -14.95 23.56 15.26
N SER A 157 -14.54 22.30 15.35
CA SER A 157 -13.76 21.72 14.26
C SER A 157 -14.58 21.54 12.99
N ALA A 158 -15.92 21.45 13.07
CA ALA A 158 -16.72 21.45 11.85
C ALA A 158 -16.73 22.79 11.14
N ASN A 159 -16.33 23.86 11.83
CA ASN A 159 -16.29 25.21 11.26
C ASN A 159 -14.84 25.67 11.08
N ILE A 160 -13.93 24.73 10.86
CA ILE A 160 -12.57 25.00 10.46
C ILE A 160 -12.34 24.13 9.23
N LEU A 161 -12.14 24.77 8.08
CA LEU A 161 -12.00 24.07 6.81
C LEU A 161 -10.53 24.04 6.40
N LEU A 162 -10.21 23.17 5.44
CA LEU A 162 -8.82 22.91 5.05
C LEU A 162 -8.70 23.00 3.53
N ASP A 163 -7.78 23.85 3.06
CA ASP A 163 -7.62 24.07 1.63
C ASP A 163 -6.64 23.04 1.04
N GLU A 164 -6.15 23.34 -0.16
CA GLU A 164 -5.26 22.47 -0.95
CA GLU A 164 -5.32 22.40 -0.90
C GLU A 164 -3.96 22.18 -0.24
N ALA A 165 -3.52 23.07 0.65
CA ALA A 165 -2.29 22.88 1.40
C ALA A 165 -2.56 22.58 2.85
N PHE A 166 -3.80 22.21 3.18
CA PHE A 166 -4.25 21.95 4.55
C PHE A 166 -4.03 23.17 5.45
N THR A 167 -4.12 24.35 4.86
CA THR A 167 -4.24 25.57 5.65
C THR A 167 -5.64 25.66 6.27
N ALA A 168 -5.69 26.02 7.55
CA ALA A 168 -6.95 26.10 8.28
C ALA A 168 -7.65 27.42 8.02
N LYS A 169 -8.95 27.37 7.76
CA LYS A 169 -9.74 28.60 7.56
C LYS A 169 -11.00 28.52 8.40
N ILE A 170 -11.17 29.47 9.31
CA ILE A 170 -12.39 29.58 10.10
CA ILE A 170 -12.40 29.55 10.09
C ILE A 170 -13.55 29.92 9.18
N SER A 171 -14.71 29.31 9.42
CA SER A 171 -15.91 29.59 8.65
C SER A 171 -17.11 29.79 9.57
N ASP A 172 -18.23 30.20 8.96
CA ASP A 172 -19.54 30.27 9.60
C ASP A 172 -19.61 31.40 10.63
N PHE A 173 -19.86 32.62 10.16
CA PHE A 173 -19.84 33.80 11.01
C PHE A 173 -21.24 34.34 11.28
N GLY A 174 -22.27 33.51 11.09
CA GLY A 174 -23.64 34.01 11.22
C GLY A 174 -23.97 34.45 12.63
N LEU A 175 -23.31 33.89 13.64
CA LEU A 175 -23.53 34.26 15.03
C LEU A 175 -22.57 35.33 15.51
N ALA A 176 -21.65 35.78 14.66
CA ALA A 176 -20.64 36.72 15.11
C ALA A 176 -21.29 38.00 15.66
N ARG A 177 -20.68 38.56 16.70
CA ARG A 177 -21.13 39.78 17.36
C ARG A 177 -19.97 40.76 17.46
N ALA A 178 -20.31 42.05 17.39
CA ALA A 178 -19.33 43.09 17.67
C ALA A 178 -18.93 43.04 19.13
N SER A 179 -17.64 43.29 19.39
CA SER A 179 -17.10 43.27 20.75
C SER A 179 -16.25 44.51 20.97
N GLU A 180 -16.71 45.38 21.88
CA GLU A 180 -15.93 46.56 22.24
C GLU A 180 -14.60 46.17 22.90
N GLN A 184 -18.33 45.98 28.69
CA GLN A 184 -18.71 45.01 29.72
C GLN A 184 -19.46 43.85 29.08
N TPO A 185 -19.27 42.65 29.62
CA TPO A 185 -19.90 41.43 29.08
CB TPO A 185 -19.19 40.19 29.64
CG2 TPO A 185 -20.02 38.93 29.40
OG1 TPO A 185 -17.95 40.05 28.94
P TPO A 185 -16.71 40.23 29.94
O1P TPO A 185 -16.59 41.77 30.42
O2P TPO A 185 -16.86 39.38 31.14
O3P TPO A 185 -15.39 39.81 29.11
C TPO A 185 -21.39 41.36 29.38
O TPO A 185 -21.82 41.45 30.54
N VAL A 186 -22.17 41.15 28.32
CA VAL A 186 -23.63 41.17 28.38
C VAL A 186 -24.19 39.76 28.19
N MET A 187 -25.43 39.55 28.62
CA MET A 187 -26.14 38.30 28.37
C MET A 187 -27.04 38.43 27.13
N TPO A 188 -27.38 37.28 26.55
CA TPO A 188 -28.42 37.21 25.54
CB TPO A 188 -27.84 36.67 24.21
CG2 TPO A 188 -27.21 35.31 24.48
OG1 TPO A 188 -28.91 36.44 23.27
P TPO A 188 -29.28 37.75 22.39
O1P TPO A 188 -30.70 38.29 22.89
O2P TPO A 188 -29.36 37.35 20.98
O3P TPO A 188 -28.20 38.95 22.53
C TPO A 188 -29.51 36.31 26.08
O TPO A 188 -29.26 35.49 26.96
N SEP A 189 -30.71 36.46 25.55
CA SEP A 189 -31.83 35.62 25.95
CB SEP A 189 -33.13 36.42 25.84
OG SEP A 189 -33.11 37.10 24.61
C SEP A 189 -31.90 34.37 25.08
O SEP A 189 -32.55 33.38 25.44
P SEP A 189 -34.50 37.82 24.26
O1P SEP A 189 -34.17 39.07 23.28
O2P SEP A 189 -35.17 38.36 25.62
O3P SEP A 189 -35.47 36.79 23.51
N ARG A 190 -31.21 34.41 23.94
CA ARG A 190 -31.19 33.31 23.00
C ARG A 190 -29.85 32.58 23.03
N ILE A 191 -29.75 31.52 23.82
CA ILE A 191 -28.50 30.80 23.96
C ILE A 191 -28.36 29.82 22.81
N VAL A 192 -27.30 29.99 22.00
CA VAL A 192 -27.09 29.19 20.81
C VAL A 192 -25.65 28.68 20.79
N GLY A 193 -25.46 27.54 20.14
CA GLY A 193 -24.14 26.94 20.04
C GLY A 193 -24.23 25.44 20.26
N THR A 194 -23.08 24.78 20.19
CA THR A 194 -22.97 23.34 20.43
C THR A 194 -22.43 23.10 21.83
N THR A 195 -23.23 22.40 22.66
CA THR A 195 -22.93 22.29 24.09
C THR A 195 -21.52 21.80 24.35
N ALA A 196 -21.06 20.78 23.60
CA ALA A 196 -19.76 20.17 23.87
C ALA A 196 -18.59 21.13 23.66
N TYR A 197 -18.80 22.27 23.00
CA TYR A 197 -17.75 23.27 22.79
C TYR A 197 -17.88 24.52 23.65
N MET A 198 -18.99 24.69 24.36
CA MET A 198 -19.30 25.97 24.96
C MET A 198 -18.76 26.14 26.36
N ALA A 199 -18.23 27.33 26.63
CA ALA A 199 -17.78 27.72 27.95
C ALA A 199 -18.97 27.76 28.92
N PRO A 200 -18.73 27.54 30.22
CA PRO A 200 -19.84 27.62 31.18
C PRO A 200 -20.58 28.94 31.11
N GLU A 201 -19.88 30.07 30.98
CA GLU A 201 -20.60 31.33 30.97
C GLU A 201 -21.42 31.49 29.68
N ALA A 202 -20.97 30.90 28.57
CA ALA A 202 -21.78 30.93 27.35
C ALA A 202 -23.07 30.13 27.53
N LEU A 203 -22.99 28.99 28.22
CA LEU A 203 -24.19 28.21 28.52
C LEU A 203 -25.14 28.94 29.45
N ARG A 204 -24.66 29.92 30.23
CA ARG A 204 -25.56 30.75 31.03
C ARG A 204 -26.06 31.96 30.25
N GLY A 205 -25.58 32.17 29.02
CA GLY A 205 -26.08 33.22 28.16
C GLY A 205 -25.17 34.42 28.02
N GLU A 206 -23.97 34.39 28.60
CA GLU A 206 -23.05 35.51 28.43
C GLU A 206 -22.46 35.51 27.01
N ILE A 207 -22.17 36.71 26.52
CA ILE A 207 -21.52 36.96 25.24
C ILE A 207 -20.16 37.59 25.53
N THR A 208 -19.08 36.89 25.19
CA THR A 208 -17.74 37.43 25.46
C THR A 208 -16.72 36.70 24.60
N PRO A 209 -15.68 37.39 24.13
CA PRO A 209 -14.62 36.68 23.38
C PRO A 209 -13.92 35.61 24.19
N LYS A 210 -13.98 35.68 25.51
CA LYS A 210 -13.38 34.65 26.36
C LYS A 210 -14.00 33.29 26.10
N SER A 211 -15.26 33.25 25.65
CA SER A 211 -15.88 31.97 25.31
C SER A 211 -15.32 31.38 24.03
N ASP A 212 -14.91 32.21 23.06
CA ASP A 212 -14.22 31.71 21.87
C ASP A 212 -12.95 30.96 22.23
N ILE A 213 -12.20 31.49 23.19
CA ILE A 213 -10.95 30.86 23.62
C ILE A 213 -11.22 29.48 24.19
N TYR A 214 -12.23 29.37 25.04
CA TYR A 214 -12.61 28.09 25.63
C TYR A 214 -12.93 27.07 24.54
N SER A 215 -13.78 27.46 23.58
CA SER A 215 -14.13 26.58 22.48
C SER A 215 -12.89 26.19 21.68
N PHE A 216 -11.96 27.12 21.49
CA PHE A 216 -10.73 26.77 20.79
C PHE A 216 -9.94 25.74 21.58
N GLY A 217 -9.98 25.84 22.91
CA GLY A 217 -9.33 24.82 23.74
C GLY A 217 -9.87 23.43 23.48
N VAL A 218 -11.19 23.30 23.29
CA VAL A 218 -11.77 22.01 22.95
C VAL A 218 -11.25 21.54 21.60
N VAL A 219 -11.17 22.45 20.63
CA VAL A 219 -10.64 22.09 19.31
C VAL A 219 -9.22 21.55 19.44
N LEU A 220 -8.41 22.20 20.27
CA LEU A 220 -7.04 21.73 20.47
C LEU A 220 -7.01 20.31 21.03
N LEU A 221 -7.92 19.99 21.96
CA LEU A 221 -8.01 18.61 22.44
C LEU A 221 -8.40 17.64 21.33
N GLU A 222 -9.32 18.05 20.44
CA GLU A 222 -9.64 17.23 19.27
C GLU A 222 -8.40 17.00 18.41
N ILE A 223 -7.61 18.04 18.19
CA ILE A 223 -6.39 17.91 17.39
C ILE A 223 -5.42 16.93 18.03
N ILE A 224 -5.22 17.05 19.34
CA ILE A 224 -4.27 16.17 20.03
C ILE A 224 -4.75 14.72 20.03
N THR A 225 -6.04 14.50 20.33
CA THR A 225 -6.53 13.15 20.58
C THR A 225 -7.15 12.50 19.35
N GLY A 226 -7.50 13.27 18.33
CA GLY A 226 -8.30 12.71 17.25
C GLY A 226 -9.69 12.28 17.64
N LEU A 227 -10.16 12.65 18.82
CA LEU A 227 -11.48 12.30 19.30
C LEU A 227 -12.47 13.43 19.06
N PRO A 228 -13.72 13.13 18.76
CA PRO A 228 -14.73 14.20 18.67
C PRO A 228 -15.09 14.74 20.05
N ALA A 229 -15.54 15.99 20.09
CA ALA A 229 -15.78 16.67 21.37
C ALA A 229 -16.86 15.97 22.18
N VAL A 230 -17.80 15.31 21.52
CA VAL A 230 -18.83 14.56 22.20
C VAL A 230 -19.00 13.22 21.48
N ASP A 231 -19.20 12.17 22.26
CA ASP A 231 -19.46 10.83 21.74
C ASP A 231 -20.32 10.15 22.79
N GLU A 232 -21.61 9.96 22.47
CA GLU A 232 -22.54 9.42 23.46
C GLU A 232 -22.16 8.01 23.91
N HIS A 233 -21.42 7.26 23.09
CA HIS A 233 -21.07 5.87 23.38
C HIS A 233 -19.64 5.73 23.90
N ARG A 234 -19.05 6.81 24.38
CA ARG A 234 -17.70 6.82 24.90
C ARG A 234 -17.70 7.23 26.37
N GLU A 235 -16.72 6.71 27.11
CA GLU A 235 -16.45 7.19 28.45
C GLU A 235 -15.09 7.85 28.42
N PRO A 236 -14.97 9.16 28.72
CA PRO A 236 -16.05 10.10 29.04
C PRO A 236 -16.83 10.51 27.80
N GLN A 237 -18.10 10.92 27.94
CA GLN A 237 -18.81 11.33 26.75
C GLN A 237 -18.27 12.64 26.21
N LEU A 238 -17.90 13.57 27.11
CA LEU A 238 -17.42 14.89 26.71
C LEU A 238 -15.90 14.92 26.75
N LEU A 239 -15.28 15.31 25.64
CA LEU A 239 -13.83 15.32 25.52
C LEU A 239 -13.18 16.21 26.57
N LEU A 240 -13.80 17.35 26.85
CA LEU A 240 -13.24 18.29 27.82
C LEU A 240 -13.13 17.67 29.21
N ASP A 241 -13.79 16.53 29.46
CA ASP A 241 -13.62 15.83 30.74
C ASP A 241 -12.23 15.25 30.94
N ILE A 242 -11.47 14.99 29.87
CA ILE A 242 -10.14 14.43 30.06
C ILE A 242 -9.22 15.42 30.76
N LYS A 243 -9.49 16.72 30.67
CA LYS A 243 -8.64 17.68 31.37
C LYS A 243 -8.66 17.46 32.88
N GLU A 244 -9.84 17.24 33.47
CA GLU A 244 -9.90 17.00 34.91
C GLU A 244 -9.29 15.65 35.26
N GLU A 245 -9.41 14.66 34.39
CA GLU A 245 -8.77 13.37 34.64
CA GLU A 245 -8.77 13.37 34.65
C GLU A 245 -7.25 13.52 34.68
N ILE A 246 -6.70 14.30 33.76
CA ILE A 246 -5.25 14.51 33.74
C ILE A 246 -4.81 15.31 34.97
N GLU A 247 -5.56 16.36 35.33
CA GLU A 247 -5.22 17.15 36.51
C GLU A 247 -5.29 16.30 37.78
N ASP A 248 -6.26 15.40 37.86
CA ASP A 248 -6.39 14.54 39.02
C ASP A 248 -5.49 13.31 38.95
N GLU A 249 -4.59 13.26 37.96
CA GLU A 249 -3.59 12.20 37.78
C GLU A 249 -4.21 10.81 37.67
N GLU A 250 -5.48 10.73 37.28
CA GLU A 250 -6.08 9.47 36.86
C GLU A 250 -5.60 9.05 35.47
N LYS A 251 -5.16 10.01 34.65
CA LYS A 251 -4.70 9.75 33.29
C LYS A 251 -3.54 10.68 32.97
N THR A 252 -2.90 10.42 31.82
CA THR A 252 -1.88 11.31 31.27
C THR A 252 -2.31 11.73 29.87
N ILE A 253 -1.74 12.82 29.36
CA ILE A 253 -2.11 13.20 27.99
C ILE A 253 -1.65 12.11 27.02
N GLU A 254 -0.57 11.39 27.37
CA GLU A 254 -0.11 10.28 26.53
C GLU A 254 -1.16 9.18 26.38
N ASP A 255 -1.99 8.97 27.41
CA ASP A 255 -3.08 8.01 27.32
C ASP A 255 -4.05 8.37 26.21
N TYR A 256 -4.18 9.65 25.88
CA TYR A 256 -5.21 10.09 24.96
C TYR A 256 -4.65 10.59 23.62
N ILE A 257 -3.32 10.68 23.47
CA ILE A 257 -2.77 11.17 22.20
C ILE A 257 -3.26 10.27 21.07
N ASP A 258 -3.66 10.89 19.97
CA ASP A 258 -4.11 10.15 18.79
C ASP A 258 -3.04 9.16 18.37
N LYS A 259 -3.39 7.90 18.30
CA LYS A 259 -2.42 6.86 17.95
CA LYS A 259 -2.43 6.85 17.94
C LYS A 259 -2.23 6.72 16.44
N LYS A 260 -2.96 7.49 15.64
CA LYS A 260 -2.83 7.45 14.18
C LYS A 260 -1.82 8.46 13.66
N MET A 261 -0.72 8.68 14.40
CA MET A 261 0.36 9.57 14.01
C MET A 261 1.67 8.85 14.34
N ASN A 262 2.72 9.13 13.57
CA ASN A 262 4.02 8.57 13.90
C ASN A 262 5.05 9.63 14.27
N ASP A 263 4.69 10.91 14.20
CA ASP A 263 5.65 12.00 14.35
C ASP A 263 5.35 12.93 15.53
N ALA A 264 4.56 12.50 16.50
CA ALA A 264 4.23 13.34 17.66
C ALA A 264 5.30 13.16 18.73
N ASP A 265 6.04 14.23 19.03
CA ASP A 265 7.00 14.16 20.14
C ASP A 265 6.37 14.72 21.42
N SER A 266 6.80 14.17 22.55
CA SER A 266 6.19 14.46 23.85
C SER A 266 6.19 15.95 24.17
N THR A 267 7.33 16.60 23.94
CA THR A 267 7.50 17.99 24.38
C THR A 267 6.50 18.91 23.69
N SER A 268 6.36 18.79 22.36
CA SER A 268 5.46 19.72 21.69
C SER A 268 4.00 19.35 21.91
N VAL A 269 3.69 18.06 22.10
CA VAL A 269 2.33 17.67 22.44
C VAL A 269 1.96 18.22 23.82
N GLU A 270 2.86 18.08 24.79
CA GLU A 270 2.60 18.67 26.10
C GLU A 270 2.46 20.18 26.01
N ALA A 271 3.22 20.81 25.11
CA ALA A 271 3.09 22.25 24.92
C ALA A 271 1.71 22.60 24.35
N MET A 272 1.23 21.86 23.36
CA MET A 272 -0.11 22.14 22.85
C MET A 272 -1.16 21.80 23.90
N TYR A 273 -0.94 20.74 24.66
CA TYR A 273 -1.89 20.40 25.71
C TYR A 273 -1.94 21.50 26.77
N SER A 274 -0.78 22.08 27.09
CA SER A 274 -0.75 23.17 28.06
C SER A 274 -1.59 24.36 27.58
N VAL A 275 -1.51 24.68 26.29
CA VAL A 275 -2.35 25.75 25.75
C VAL A 275 -3.82 25.39 25.90
N ALA A 276 -4.17 24.18 25.49
CA ALA A 276 -5.56 23.74 25.59
C ALA A 276 -6.05 23.82 27.03
N SER A 277 -5.22 23.38 27.98
CA SER A 277 -5.63 23.39 29.38
C SER A 277 -5.87 24.81 29.86
N GLN A 278 -5.01 25.75 29.47
CA GLN A 278 -5.21 27.15 29.85
C GLN A 278 -6.48 27.73 29.23
N CYS A 279 -6.71 27.43 27.94
CA CYS A 279 -7.92 27.89 27.26
C CYS A 279 -9.19 27.40 27.95
N LEU A 280 -9.13 26.24 28.58
CA LEU A 280 -10.28 25.59 29.20
C LEU A 280 -10.45 25.94 30.67
N HIS A 281 -9.77 26.97 31.17
CA HIS A 281 -9.97 27.37 32.56
C HIS A 281 -11.45 27.64 32.81
N GLU A 282 -11.93 27.12 33.93
CA GLU A 282 -13.34 27.27 34.27
C GLU A 282 -13.73 28.73 34.46
N LYS A 283 -12.79 29.57 34.87
CA LYS A 283 -13.03 30.99 35.14
C LYS A 283 -12.63 31.81 33.92
N LYS A 284 -13.61 32.50 33.32
CA LYS A 284 -13.36 33.16 32.04
C LYS A 284 -12.21 34.16 32.13
N ASN A 285 -12.07 34.87 33.25
CA ASN A 285 -11.02 35.86 33.36
C ASN A 285 -9.62 35.24 33.55
N LYS A 286 -9.53 33.93 33.81
CA LYS A 286 -8.24 33.29 33.96
C LYS A 286 -7.73 32.68 32.66
N ARG A 287 -8.54 32.66 31.60
CA ARG A 287 -8.07 32.17 30.31
C ARG A 287 -7.13 33.18 29.66
N PRO A 288 -6.18 32.71 28.85
CA PRO A 288 -5.38 33.63 28.05
C PRO A 288 -6.24 34.30 26.99
N ASP A 289 -5.80 35.47 26.53
CA ASP A 289 -6.47 36.00 25.35
C ASP A 289 -5.85 35.38 24.10
N ILE A 290 -6.46 35.66 22.94
CA ILE A 290 -6.05 34.96 21.72
C ILE A 290 -4.63 35.30 21.34
N LYS A 291 -4.18 36.54 21.61
CA LYS A 291 -2.80 36.88 21.30
C LYS A 291 -1.84 36.02 22.11
N LYS A 292 -2.16 35.78 23.38
CA LYS A 292 -1.32 34.88 24.18
C LYS A 292 -1.38 33.45 23.62
N VAL A 293 -2.57 32.99 23.26
CA VAL A 293 -2.70 31.66 22.65
C VAL A 293 -1.87 31.58 21.39
N GLN A 294 -1.95 32.61 20.56
CA GLN A 294 -1.18 32.64 19.32
C GLN A 294 0.32 32.55 19.61
N GLN A 295 0.79 33.29 20.62
CA GLN A 295 2.20 33.28 20.98
C GLN A 295 2.65 31.90 21.48
N LEU A 296 1.88 31.29 22.37
CA LEU A 296 2.27 29.99 22.91
C LEU A 296 2.34 28.94 21.81
N LEU A 297 1.40 28.98 20.86
CA LEU A 297 1.44 28.03 19.77
C LEU A 297 2.65 28.27 18.86
N GLN A 298 3.06 29.54 18.68
CA GLN A 298 4.24 29.79 17.88
C GLN A 298 5.49 29.28 18.58
N GLU A 299 5.60 29.54 19.88
CA GLU A 299 6.74 29.02 20.64
C GLU A 299 6.76 27.49 20.62
N MET A 300 5.59 26.87 20.49
CA MET A 300 5.49 25.41 20.48
C MET A 300 6.39 24.79 19.43
N THR A 301 6.45 25.39 18.24
CA THR A 301 7.21 24.83 17.14
C THR A 301 8.53 25.55 16.92
N ALA A 302 8.89 26.48 17.79
CA ALA A 302 10.15 27.21 17.64
C ALA A 302 11.31 26.34 18.15
N SER A 303 12.50 26.61 17.62
CA SER A 303 13.68 25.82 17.98
C SER A 303 15.00 26.54 17.68
N ARG B 7 14.87 -29.18 7.31
CA ARG B 7 13.71 -28.44 6.80
C ARG B 7 13.75 -26.97 7.25
N PHE B 8 13.92 -26.76 8.55
CA PHE B 8 14.06 -25.43 9.11
C PHE B 8 15.53 -25.16 9.44
N HIS B 9 15.87 -23.87 9.54
CA HIS B 9 17.24 -23.46 9.81
C HIS B 9 17.46 -23.50 11.32
N SER B 10 18.52 -24.16 11.77
CA SER B 10 18.83 -24.17 13.20
CA SER B 10 18.86 -24.19 13.19
C SER B 10 19.66 -22.93 13.53
N PHE B 11 19.12 -22.10 14.42
CA PHE B 11 19.85 -20.96 14.96
C PHE B 11 20.30 -21.28 16.36
N SER B 12 21.39 -20.67 16.76
CA SER B 12 21.80 -20.60 18.16
C SER B 12 21.31 -19.29 18.78
N PHE B 13 21.10 -19.31 20.09
CA PHE B 13 20.57 -18.12 20.75
C PHE B 13 21.48 -16.91 20.53
N TYR B 14 22.80 -17.10 20.51
CA TYR B 14 23.71 -15.97 20.34
C TYR B 14 23.49 -15.28 19.00
N GLU B 15 23.15 -16.03 17.95
CA GLU B 15 22.87 -15.40 16.66
C GLU B 15 21.66 -14.48 16.75
N LEU B 16 20.56 -14.96 17.34
CA LEU B 16 19.32 -14.18 17.36
C LEU B 16 19.47 -12.97 18.28
N LYS B 17 20.26 -13.11 19.34
CA LYS B 17 20.57 -11.97 20.19
CA LYS B 17 20.59 -11.97 20.18
C LYS B 17 21.30 -10.89 19.38
N ASN B 18 22.30 -11.28 18.59
CA ASN B 18 23.08 -10.27 17.88
C ASN B 18 22.25 -9.56 16.82
N VAL B 19 21.31 -10.25 16.18
CA VAL B 19 20.58 -9.65 15.08
C VAL B 19 19.35 -8.87 15.53
N THR B 20 19.06 -8.83 16.84
CA THR B 20 17.91 -8.09 17.37
C THR B 20 18.35 -6.97 18.31
N ASN B 21 19.59 -6.49 18.18
CA ASN B 21 20.14 -5.48 19.09
CA ASN B 21 20.16 -5.51 19.08
C ASN B 21 20.05 -5.99 20.53
N ASN B 22 20.45 -7.25 20.73
CA ASN B 22 20.39 -7.91 22.02
CA ASN B 22 20.37 -7.97 22.01
C ASN B 22 18.96 -7.93 22.57
N PHE B 23 18.00 -8.32 21.72
CA PHE B 23 16.59 -8.35 22.11
C PHE B 23 16.16 -7.07 22.78
N ASP B 24 16.40 -5.96 22.09
CA ASP B 24 16.03 -4.64 22.59
C ASP B 24 14.52 -4.54 22.72
N GLU B 25 14.02 -4.53 23.96
CA GLU B 25 12.58 -4.60 24.25
C GLU B 25 11.84 -3.29 24.03
N ARG B 26 12.53 -2.18 23.78
CA ARG B 26 11.81 -0.95 23.52
C ARG B 26 11.04 -1.11 22.20
N PRO B 27 9.88 -0.47 22.10
CA PRO B 27 9.14 -0.53 20.85
C PRO B 27 9.98 0.04 19.71
N ILE B 28 9.63 -0.41 18.49
CA ILE B 28 10.24 0.07 17.26
C ILE B 28 10.23 1.60 17.21
N SER B 29 9.09 2.20 17.54
CA SER B 29 8.94 3.65 17.44
C SER B 29 9.89 4.38 18.38
N VAL B 30 10.37 3.72 19.42
CA VAL B 30 11.27 4.32 20.41
C VAL B 30 12.74 4.01 20.11
N GLY B 31 13.02 3.23 19.07
CA GLY B 31 14.39 2.88 18.70
C GLY B 31 14.78 1.46 19.04
N GLY B 32 13.86 0.67 19.60
CA GLY B 32 14.12 -0.72 19.94
C GLY B 32 13.74 -1.68 18.82
N ASN B 33 13.57 -2.93 19.20
CA ASN B 33 13.32 -4.00 18.25
C ASN B 33 12.02 -4.73 18.53
N LYS B 34 11.30 -4.37 19.59
CA LYS B 34 10.07 -5.06 19.93
C LYS B 34 8.95 -4.57 19.00
N MET B 35 8.34 -5.51 18.29
CA MET B 35 7.19 -5.17 17.45
C MET B 35 5.87 -5.36 18.19
N GLY B 36 5.82 -6.32 19.10
CA GLY B 36 4.61 -6.56 19.86
C GLY B 36 4.73 -7.83 20.65
N GLU B 37 3.63 -8.19 21.29
CA GLU B 37 3.52 -9.39 22.12
CA GLU B 37 3.55 -9.42 22.05
C GLU B 37 2.20 -10.07 21.80
N GLY B 38 2.16 -11.36 21.98
CA GLY B 38 0.97 -12.15 21.74
C GLY B 38 1.39 -13.56 21.44
N GLY B 39 0.42 -14.48 21.51
CA GLY B 39 0.74 -15.89 21.31
C GLY B 39 1.81 -16.41 22.24
N PHE B 40 1.82 -15.91 23.49
CA PHE B 40 2.71 -16.37 24.56
C PHE B 40 4.18 -16.12 24.26
N GLY B 41 4.48 -15.07 23.50
CA GLY B 41 5.85 -14.65 23.26
C GLY B 41 5.91 -13.17 22.93
N VAL B 42 7.12 -12.65 22.90
CA VAL B 42 7.39 -11.28 22.50
C VAL B 42 8.10 -11.35 21.17
N VAL B 43 7.65 -10.54 20.22
CA VAL B 43 8.11 -10.66 18.84
C VAL B 43 8.97 -9.46 18.52
N TYR B 44 10.17 -9.73 18.02
CA TYR B 44 11.20 -8.74 17.75
C TYR B 44 11.52 -8.69 16.27
N LYS B 45 11.92 -7.51 15.81
CA LYS B 45 12.45 -7.39 14.46
C LYS B 45 13.93 -7.76 14.47
N GLY B 46 14.36 -8.53 13.47
CA GLY B 46 15.76 -8.86 13.34
C GLY B 46 16.18 -8.68 11.89
N TYR B 47 17.49 -8.63 11.67
CA TYR B 47 18.03 -8.49 10.33
C TYR B 47 19.19 -9.46 10.23
N VAL B 48 19.01 -10.49 9.40
CA VAL B 48 19.97 -11.58 9.33
C VAL B 48 20.25 -11.93 7.87
N ASN B 49 21.50 -11.77 7.45
CA ASN B 49 21.91 -12.19 6.11
C ASN B 49 21.05 -11.52 5.04
N ASN B 50 21.00 -10.18 5.10
CA ASN B 50 20.26 -9.31 4.20
C ASN B 50 18.75 -9.49 4.27
N THR B 51 18.25 -10.21 5.27
CA THR B 51 16.84 -10.51 5.39
C THR B 51 16.25 -9.92 6.67
N THR B 52 15.17 -9.16 6.58
CA THR B 52 14.43 -8.82 7.79
C THR B 52 13.60 -10.02 8.20
N VAL B 53 13.64 -10.36 9.50
CA VAL B 53 12.90 -11.49 10.04
C VAL B 53 12.15 -11.05 11.29
N ALA B 54 11.19 -11.86 11.70
CA ALA B 54 10.51 -11.70 12.98
C ALA B 54 11.01 -12.80 13.90
N VAL B 55 11.37 -12.44 15.13
CA VAL B 55 11.87 -13.41 16.11
C VAL B 55 10.89 -13.41 17.28
N LYS B 56 10.21 -14.51 17.48
CA LYS B 56 9.29 -14.67 18.61
C LYS B 56 10.04 -15.41 19.69
N LYS B 57 10.25 -14.73 20.82
CA LYS B 57 10.94 -15.31 21.96
C LYS B 57 9.87 -15.68 22.97
N LEU B 58 9.79 -16.96 23.30
CA LEU B 58 8.72 -17.44 24.17
C LEU B 58 8.95 -16.97 25.61
N ALA B 59 7.92 -16.35 26.21
CA ALA B 59 8.02 -15.76 27.53
C ALA B 59 7.47 -16.71 28.57
N ALA B 60 8.25 -16.98 29.61
CA ALA B 60 7.80 -17.84 30.70
C ALA B 60 6.82 -17.10 31.60
N ILE B 64 1.92 -19.41 32.66
CA ILE B 64 2.37 -20.55 31.88
C ILE B 64 3.48 -21.32 32.61
N THR B 65 3.35 -22.65 32.63
CA THR B 65 4.35 -23.54 33.21
C THR B 65 5.56 -23.62 32.28
N THR B 66 6.67 -24.16 32.81
CA THR B 66 7.87 -24.31 32.00
C THR B 66 7.66 -25.37 30.91
N GLU B 67 7.13 -26.53 31.28
CA GLU B 67 6.86 -27.56 30.30
C GLU B 67 5.81 -27.12 29.30
N GLU B 68 4.81 -26.34 29.76
CA GLU B 68 3.77 -25.84 28.87
C GLU B 68 4.32 -24.90 27.81
N LEU B 69 5.36 -24.12 28.16
CA LEU B 69 5.99 -23.26 27.17
C LEU B 69 6.74 -24.08 26.13
N LYS B 70 7.45 -25.11 26.57
CA LYS B 70 8.14 -25.99 25.64
C LYS B 70 7.14 -26.73 24.75
N GLN B 71 6.01 -27.15 25.32
CA GLN B 71 4.98 -27.83 24.53
C GLN B 71 4.43 -26.93 23.44
N GLN B 72 4.19 -25.64 23.76
CA GLN B 72 3.79 -24.70 22.72
C GLN B 72 4.88 -24.55 21.65
N PHE B 73 6.16 -24.62 22.07
CA PHE B 73 7.28 -24.56 21.13
C PHE B 73 7.25 -25.77 20.19
N ASP B 74 7.19 -26.97 20.77
CA ASP B 74 7.12 -28.18 19.96
C ASP B 74 5.88 -28.18 19.06
N GLN B 75 4.78 -27.63 19.57
CA GLN B 75 3.53 -27.65 18.80
C GLN B 75 3.61 -26.73 17.59
N GLU B 76 4.10 -25.50 17.77
CA GLU B 76 4.26 -24.61 16.64
CA GLU B 76 4.26 -24.61 16.63
C GLU B 76 5.07 -25.29 15.53
N ILE B 77 6.18 -25.92 15.92
CA ILE B 77 7.12 -26.43 14.93
C ILE B 77 6.50 -27.58 14.15
N LYS B 78 5.77 -28.48 14.83
CA LYS B 78 5.12 -29.59 14.15
C LYS B 78 4.05 -29.10 13.17
N VAL B 79 3.26 -28.10 13.58
CA VAL B 79 2.25 -27.53 12.69
C VAL B 79 2.91 -26.85 11.49
N MET B 80 3.97 -26.09 11.74
CA MET B 80 4.59 -25.35 10.64
C MET B 80 5.31 -26.28 9.68
N ALA B 81 5.77 -27.44 10.16
CA ALA B 81 6.40 -28.42 9.28
C ALA B 81 5.39 -29.09 8.35
N LYS B 82 4.17 -29.28 8.83
CA LYS B 82 3.12 -29.92 8.04
C LYS B 82 2.32 -28.93 7.19
N CYS B 83 2.22 -27.68 7.62
CA CYS B 83 1.27 -26.73 7.03
C CYS B 83 2.02 -25.55 6.43
N GLN B 84 2.26 -25.61 5.12
CA GLN B 84 2.73 -24.46 4.35
C GLN B 84 1.64 -24.06 3.38
N HIS B 85 1.34 -22.77 3.33
CA HIS B 85 0.23 -22.22 2.56
C HIS B 85 0.44 -20.72 2.49
N GLU B 86 -0.01 -20.10 1.39
CA GLU B 86 0.19 -18.68 1.17
CA GLU B 86 0.24 -18.68 1.20
C GLU B 86 -0.47 -17.81 2.24
N ASN B 87 -1.56 -18.29 2.87
CA ASN B 87 -2.22 -17.52 3.93
C ASN B 87 -1.87 -18.02 5.33
N LEU B 88 -0.71 -18.66 5.51
CA LEU B 88 -0.14 -18.94 6.82
C LEU B 88 1.26 -18.37 6.88
N VAL B 89 1.63 -17.75 8.02
CA VAL B 89 2.99 -17.27 8.17
C VAL B 89 3.95 -18.44 8.04
N GLU B 90 5.15 -18.16 7.59
CA GLU B 90 6.14 -19.19 7.31
C GLU B 90 7.25 -19.16 8.35
N LEU B 91 7.49 -20.30 8.97
CA LEU B 91 8.60 -20.46 9.92
C LEU B 91 9.91 -20.66 9.16
N LEU B 92 10.91 -19.86 9.47
CA LEU B 92 12.22 -20.04 8.85
C LEU B 92 13.15 -20.89 9.70
N GLY B 93 13.01 -20.82 11.02
CA GLY B 93 13.90 -21.56 11.89
C GLY B 93 13.56 -21.30 13.34
N PHE B 94 14.44 -21.76 14.20
CA PHE B 94 14.19 -21.76 15.63
C PHE B 94 15.53 -21.89 16.34
N SER B 95 15.51 -21.55 17.63
CA SER B 95 16.60 -21.84 18.55
CA SER B 95 16.60 -21.90 18.53
C SER B 95 16.00 -22.36 19.84
N SER B 96 16.68 -23.31 20.49
CA SER B 96 16.22 -23.79 21.78
C SER B 96 17.35 -24.00 22.78
N ASP B 97 18.52 -23.38 22.58
N ASP B 97 18.57 -23.54 22.49
CA ASP B 97 19.62 -23.65 23.50
CA ASP B 97 19.68 -23.78 23.38
C ASP B 97 19.68 -22.69 24.70
C ASP B 97 19.63 -22.78 24.54
N GLY B 98 19.59 -21.38 24.46
N GLY B 98 19.97 -23.27 25.73
CA GLY B 98 19.95 -20.42 25.49
CA GLY B 98 19.80 -22.47 26.92
C GLY B 98 18.96 -20.20 26.61
C GLY B 98 18.36 -22.52 27.43
N ASP B 99 18.43 -21.29 27.19
N ASP B 99 17.98 -21.47 28.15
CA ASP B 99 17.39 -21.25 28.22
CA ASP B 99 16.68 -21.41 28.82
C ASP B 99 16.21 -20.38 27.78
C ASP B 99 15.67 -20.50 28.11
N ASP B 100 16.10 -20.16 26.48
N ASP B 100 15.84 -20.27 26.80
CA ASP B 100 15.08 -19.33 25.86
CA ASP B 100 14.89 -19.44 26.06
C ASP B 100 14.67 -20.01 24.57
C ASP B 100 14.65 -20.04 24.68
N LEU B 101 13.38 -20.04 24.29
CA LEU B 101 12.90 -20.64 23.05
C LEU B 101 12.56 -19.52 22.07
N CYS B 102 13.10 -19.62 20.84
CA CYS B 102 12.85 -18.62 19.82
C CYS B 102 12.40 -19.27 18.53
N LEU B 103 11.47 -18.61 17.84
CA LEU B 103 10.96 -19.02 16.54
C LEU B 103 11.17 -17.86 15.59
N VAL B 104 11.69 -18.14 14.40
CA VAL B 104 12.07 -17.11 13.42
C VAL B 104 11.15 -17.25 12.20
N TYR B 105 10.53 -16.14 11.78
CA TYR B 105 9.52 -16.16 10.74
C TYR B 105 9.84 -15.20 9.62
N VAL B 106 9.27 -15.49 8.45
CA VAL B 106 9.26 -14.51 7.37
C VAL B 106 8.58 -13.24 7.86
N TYR B 107 9.22 -12.10 7.57
CA TYR B 107 8.75 -10.79 8.03
C TYR B 107 7.54 -10.32 7.23
N MET B 108 6.51 -9.87 7.93
CA MET B 108 5.29 -9.39 7.30
C MET B 108 5.23 -7.88 7.46
N PRO B 109 5.62 -7.09 6.45
CA PRO B 109 5.93 -5.67 6.71
C PRO B 109 4.73 -4.83 7.09
N ASN B 110 3.52 -5.24 6.76
CA ASN B 110 2.38 -4.40 7.12
C ASN B 110 1.74 -4.81 8.44
N GLY B 111 2.39 -5.68 9.21
CA GLY B 111 1.95 -5.86 10.58
C GLY B 111 0.59 -6.54 10.66
N SER B 112 -0.10 -6.30 11.77
CA SER B 112 -1.32 -7.02 12.07
C SER B 112 -2.55 -6.32 11.49
N LEU B 113 -3.55 -7.13 11.14
CA LEU B 113 -4.85 -6.59 10.75
C LEU B 113 -5.44 -5.68 11.84
N LEU B 114 -5.24 -6.05 13.11
CA LEU B 114 -5.71 -5.21 14.21
C LEU B 114 -5.19 -3.78 14.07
N ASP B 115 -3.89 -3.64 13.86
CA ASP B 115 -3.27 -2.31 13.80
C ASP B 115 -3.60 -1.57 12.51
N ARG B 116 -3.80 -2.28 11.40
CA ARG B 116 -4.20 -1.58 10.18
C ARG B 116 -5.67 -1.16 10.22
N LEU B 117 -6.52 -1.89 10.96
CA LEU B 117 -7.89 -1.43 11.14
C LEU B 117 -7.96 -0.21 12.04
N SER B 118 -7.05 -0.09 13.00
CA SER B 118 -7.03 1.09 13.83
C SER B 118 -6.20 2.22 13.21
N CYS B 119 -5.57 1.99 12.06
CA CYS B 119 -4.68 2.98 11.42
C CYS B 119 -3.53 3.36 12.34
N LEU B 120 -3.08 2.41 13.12
CA LEU B 120 -2.00 2.66 14.07
C LEU B 120 -0.76 3.19 13.36
N ASP B 121 -0.14 4.21 13.98
CA ASP B 121 1.02 4.94 13.46
C ASP B 121 0.73 5.73 12.19
N GLY B 122 -0.53 5.95 11.85
CA GLY B 122 -0.86 6.81 10.72
C GLY B 122 -0.95 6.14 9.37
N THR B 123 -1.08 4.81 9.31
CA THR B 123 -1.25 4.16 8.01
C THR B 123 -2.66 4.41 7.49
N PRO B 124 -2.84 4.47 6.17
CA PRO B 124 -4.15 4.86 5.62
C PRO B 124 -5.20 3.79 5.90
N PRO B 125 -6.47 4.18 6.05
CA PRO B 125 -7.53 3.19 6.26
C PRO B 125 -7.62 2.21 5.10
N LEU B 126 -7.88 0.96 5.43
CA LEU B 126 -8.08 -0.07 4.42
C LEU B 126 -9.40 0.16 3.69
N SER B 127 -9.36 0.05 2.37
CA SER B 127 -10.59 0.15 1.58
C SER B 127 -11.46 -1.08 1.81
N TRP B 128 -12.73 -0.97 1.45
CA TRP B 128 -13.63 -2.13 1.51
C TRP B 128 -13.14 -3.24 0.59
N HIS B 129 -12.67 -2.89 -0.60
CA HIS B 129 -12.20 -3.91 -1.52
CA HIS B 129 -12.17 -3.90 -1.53
C HIS B 129 -11.01 -4.68 -0.92
N MET B 130 -10.07 -3.98 -0.29
CA MET B 130 -8.94 -4.69 0.35
C MET B 130 -9.42 -5.52 1.55
N ARG B 131 -10.39 -5.00 2.30
CA ARG B 131 -10.90 -5.74 3.44
C ARG B 131 -11.54 -7.05 3.00
N CYS B 132 -12.23 -7.05 1.86
CA CYS B 132 -12.81 -8.28 1.35
C CYS B 132 -11.73 -9.29 0.96
N LYS B 133 -10.64 -8.84 0.35
CA LYS B 133 -9.56 -9.76 -0.03
C LYS B 133 -8.86 -10.30 1.21
N ILE B 134 -8.72 -9.47 2.25
CA ILE B 134 -8.12 -9.92 3.49
C ILE B 134 -9.00 -10.97 4.16
N ALA B 135 -10.31 -10.72 4.24
CA ALA B 135 -11.22 -11.70 4.83
C ALA B 135 -11.17 -13.02 4.07
N GLN B 136 -11.16 -12.96 2.74
CA GLN B 136 -11.08 -14.19 1.95
C GLN B 136 -9.78 -14.92 2.21
N GLY B 137 -8.66 -14.18 2.24
CA GLY B 137 -7.37 -14.81 2.46
C GLY B 137 -7.29 -15.48 3.82
N ALA B 138 -7.73 -14.78 4.87
CA ALA B 138 -7.75 -15.37 6.19
C ALA B 138 -8.59 -16.65 6.25
N ALA B 139 -9.76 -16.65 5.58
CA ALA B 139 -10.59 -17.85 5.54
C ALA B 139 -9.88 -19.00 4.84
N ASN B 140 -9.16 -18.71 3.77
CA ASN B 140 -8.40 -19.73 3.06
C ASN B 140 -7.32 -20.32 3.97
N GLY B 141 -6.69 -19.48 4.78
CA GLY B 141 -5.70 -20.00 5.72
C GLY B 141 -6.32 -20.91 6.77
N ILE B 142 -7.43 -20.46 7.37
CA ILE B 142 -8.11 -21.30 8.36
C ILE B 142 -8.61 -22.57 7.71
N ASN B 143 -9.14 -22.48 6.50
CA ASN B 143 -9.59 -23.68 5.81
C ASN B 143 -8.46 -24.67 5.64
N PHE B 144 -7.26 -24.19 5.30
CA PHE B 144 -6.14 -25.11 5.14
C PHE B 144 -5.80 -25.80 6.46
N LEU B 145 -5.88 -25.07 7.57
CA LEU B 145 -5.64 -25.69 8.87
C LEU B 145 -6.67 -26.78 9.17
N HIS B 146 -7.95 -26.47 8.96
CA HIS B 146 -8.98 -27.45 9.27
C HIS B 146 -8.93 -28.64 8.31
N GLU B 147 -8.61 -28.40 7.04
CA GLU B 147 -8.42 -29.51 6.10
C GLU B 147 -7.31 -30.43 6.55
N ASN B 148 -6.28 -29.87 7.17
CA ASN B 148 -5.18 -30.63 7.72
C ASN B 148 -5.38 -30.99 9.19
N HIS B 149 -6.63 -30.95 9.66
CA HIS B 149 -7.03 -31.50 10.96
C HIS B 149 -6.33 -30.79 12.11
N HIS B 150 -6.19 -29.47 11.99
CA HIS B 150 -5.70 -28.67 13.08
C HIS B 150 -6.72 -27.60 13.44
N ILE B 151 -6.91 -27.43 14.76
CA ILE B 151 -7.67 -26.33 15.34
C ILE B 151 -6.68 -25.23 15.75
N HIS B 152 -7.01 -23.98 15.43
CA HIS B 152 -6.07 -22.91 15.73
C HIS B 152 -6.13 -22.49 17.20
N ARG B 153 -7.34 -22.20 17.71
CA ARG B 153 -7.66 -21.86 19.09
C ARG B 153 -7.28 -20.43 19.52
N ASP B 154 -6.75 -19.61 18.63
CA ASP B 154 -6.39 -18.24 18.99
C ASP B 154 -6.56 -17.33 17.80
N ILE B 155 -7.70 -17.46 17.10
CA ILE B 155 -7.99 -16.63 15.93
CA ILE B 155 -7.94 -16.62 15.94
C ILE B 155 -8.42 -15.25 16.42
N LYS B 156 -7.81 -14.21 15.88
CA LYS B 156 -8.12 -12.82 16.22
C LYS B 156 -7.27 -11.94 15.32
N SER B 157 -7.67 -10.67 15.21
CA SER B 157 -7.03 -9.77 14.24
C SER B 157 -5.58 -9.46 14.60
N ALA B 158 -5.20 -9.59 15.88
CA ALA B 158 -3.81 -9.47 16.27
C ALA B 158 -2.97 -10.64 15.74
N ASN B 159 -3.61 -11.75 15.38
CA ASN B 159 -2.95 -12.94 14.84
C ASN B 159 -3.26 -13.16 13.36
N ILE B 160 -3.57 -12.08 12.65
CA ILE B 160 -3.67 -12.09 11.20
C ILE B 160 -2.73 -10.98 10.71
N LEU B 161 -1.67 -11.35 10.01
CA LEU B 161 -0.65 -10.42 9.56
C LEU B 161 -0.82 -10.13 8.06
N LEU B 162 -0.16 -9.07 7.60
CA LEU B 162 -0.32 -8.56 6.25
C LEU B 162 1.06 -8.37 5.61
N ASP B 163 1.30 -8.98 4.45
CA ASP B 163 2.62 -8.87 3.85
C ASP B 163 2.68 -7.61 2.99
N GLU B 164 3.72 -7.53 2.14
CA GLU B 164 3.95 -6.36 1.29
CA GLU B 164 3.94 -6.35 1.31
C GLU B 164 2.71 -6.01 0.48
N ALA B 165 2.00 -7.03 0.00
CA ALA B 165 0.85 -6.84 -0.87
C ALA B 165 -0.46 -6.95 -0.12
N PHE B 166 -0.40 -6.90 1.22
CA PHE B 166 -1.58 -7.04 2.08
C PHE B 166 -2.25 -8.40 1.92
N THR B 167 -1.47 -9.43 1.58
CA THR B 167 -1.95 -10.80 1.70
C THR B 167 -2.02 -11.17 3.17
N ALA B 168 -3.15 -11.76 3.57
CA ALA B 168 -3.38 -12.10 4.97
C ALA B 168 -2.72 -13.41 5.33
N LYS B 169 -2.05 -13.44 6.48
CA LYS B 169 -1.41 -14.66 6.97
C LYS B 169 -1.80 -14.92 8.40
N ILE B 170 -2.41 -16.08 8.64
CA ILE B 170 -2.65 -16.53 10.00
C ILE B 170 -1.33 -16.79 10.70
N SER B 171 -1.20 -16.32 11.94
CA SER B 171 0.00 -16.55 12.74
C SER B 171 -0.39 -17.12 14.10
N ASP B 172 0.63 -17.57 14.85
CA ASP B 172 0.54 -17.98 16.24
C ASP B 172 -0.19 -19.31 16.46
N PHE B 173 0.54 -20.40 16.27
CA PHE B 173 0.01 -21.76 16.33
C PHE B 173 0.41 -22.49 17.60
N GLY B 174 0.80 -21.76 18.66
CA GLY B 174 1.26 -22.40 19.88
C GLY B 174 0.17 -23.19 20.58
N LEU B 175 -1.08 -22.81 20.40
CA LEU B 175 -2.20 -23.53 20.98
C LEU B 175 -2.83 -24.54 20.03
N ALA B 176 -2.34 -24.63 18.79
CA ALA B 176 -3.01 -25.46 17.80
C ALA B 176 -3.07 -26.92 18.27
N ARG B 177 -4.17 -27.58 17.94
CA ARG B 177 -4.39 -28.97 18.30
C ARG B 177 -4.75 -29.80 17.07
N ALA B 178 -4.22 -31.01 17.01
CA ALA B 178 -4.71 -32.01 16.09
C ALA B 178 -6.02 -32.56 16.63
N SER B 179 -7.00 -32.79 15.76
CA SER B 179 -8.29 -33.30 16.19
C SER B 179 -8.78 -34.45 15.31
N GLN B 184 -15.41 -36.15 18.71
CA GLN B 184 -14.91 -35.02 17.92
C GLN B 184 -14.72 -33.76 18.76
N TPO B 185 -15.48 -33.64 19.86
CA TPO B 185 -15.30 -32.49 20.76
CB TPO B 185 -16.63 -31.70 20.99
CG2 TPO B 185 -16.46 -30.70 22.16
OG1 TPO B 185 -17.10 -31.00 19.83
P TPO B 185 -18.56 -31.60 19.47
O1P TPO B 185 -19.23 -30.71 18.30
O2P TPO B 185 -18.43 -33.13 19.01
O3P TPO B 185 -19.40 -31.57 20.69
C TPO B 185 -14.72 -32.98 22.09
O TPO B 185 -15.25 -33.90 22.70
N VAL B 186 -13.62 -32.35 22.50
CA VAL B 186 -12.89 -32.79 23.69
C VAL B 186 -12.82 -31.63 24.69
N MET B 187 -12.68 -31.96 25.98
CA MET B 187 -12.53 -30.95 27.03
C MET B 187 -11.06 -30.77 27.45
N TPO B 188 -10.67 -29.55 27.81
CA TPO B 188 -9.35 -29.32 28.42
CB TPO B 188 -8.48 -28.39 27.55
CG2 TPO B 188 -9.17 -27.04 27.33
OG1 TPO B 188 -7.25 -28.14 28.25
P TPO B 188 -6.10 -29.25 27.97
O1P TPO B 188 -4.82 -28.58 27.65
O2P TPO B 188 -5.92 -30.12 29.30
O3P TPO B 188 -6.51 -30.23 26.76
C TPO B 188 -9.53 -28.72 29.81
O TPO B 188 -10.53 -28.08 30.10
N SEP B 189 -8.52 -28.92 30.64
CA SEP B 189 -8.50 -28.38 32.00
CB SEP B 189 -7.84 -29.36 32.95
OG SEP B 189 -6.62 -29.83 32.39
C SEP B 189 -7.77 -27.04 32.04
O SEP B 189 -7.83 -26.33 33.04
P SEP B 189 -5.76 -30.69 33.43
O1P SEP B 189 -4.85 -29.71 34.33
O2P SEP B 189 -6.76 -31.55 34.36
O3P SEP B 189 -4.81 -31.70 32.61
N ARG B 190 -7.07 -26.70 30.96
CA ARG B 190 -6.35 -25.44 30.88
C ARG B 190 -7.02 -24.52 29.87
N ILE B 191 -7.91 -23.65 30.34
CA ILE B 191 -8.68 -22.82 29.43
C ILE B 191 -7.82 -21.63 29.02
N VAL B 192 -7.53 -21.55 27.73
CA VAL B 192 -6.63 -20.52 27.20
C VAL B 192 -7.27 -19.86 25.99
N GLY B 193 -6.89 -18.60 25.75
CA GLY B 193 -7.38 -17.82 24.64
C GLY B 193 -7.63 -16.37 25.04
N THR B 194 -8.09 -15.54 24.10
CA THR B 194 -8.41 -14.14 24.36
C THR B 194 -9.93 -14.01 24.46
N THR B 195 -10.42 -13.70 25.67
CA THR B 195 -11.85 -13.89 25.95
C THR B 195 -12.75 -13.09 25.02
N ALA B 196 -12.32 -11.90 24.61
CA ALA B 196 -13.19 -11.06 23.76
C ALA B 196 -13.49 -11.70 22.42
N TYR B 197 -12.73 -12.73 22.02
CA TYR B 197 -12.91 -13.42 20.74
C TYR B 197 -13.48 -14.82 20.89
N MET B 198 -13.61 -15.33 22.10
CA MET B 198 -13.82 -16.76 22.30
C MET B 198 -15.28 -17.15 22.26
N ALA B 199 -15.53 -18.29 21.62
CA ALA B 199 -16.86 -18.87 21.63
C ALA B 199 -17.24 -19.25 23.06
N PRO B 200 -18.55 -19.21 23.39
CA PRO B 200 -18.95 -19.59 24.75
C PRO B 200 -18.46 -20.96 25.15
N GLU B 201 -18.50 -21.95 24.26
CA GLU B 201 -18.06 -23.28 24.65
C GLU B 201 -16.55 -23.33 24.85
N ALA B 202 -15.79 -22.50 24.12
CA ALA B 202 -14.35 -22.40 24.35
C ALA B 202 -14.03 -21.81 25.71
N LEU B 203 -14.84 -20.84 26.15
CA LEU B 203 -14.67 -20.29 27.49
C LEU B 203 -14.87 -21.34 28.58
N ARG B 204 -15.58 -22.41 28.26
CA ARG B 204 -15.88 -23.49 29.20
CA ARG B 204 -15.86 -23.47 29.23
C ARG B 204 -14.89 -24.64 29.12
N GLY B 205 -13.94 -24.59 28.18
CA GLY B 205 -12.95 -25.64 28.05
C GLY B 205 -13.17 -26.63 26.93
N GLU B 206 -14.20 -26.44 26.11
CA GLU B 206 -14.33 -27.32 24.95
C GLU B 206 -13.29 -26.96 23.91
N ILE B 207 -12.81 -27.99 23.21
CA ILE B 207 -11.87 -27.85 22.09
C ILE B 207 -12.60 -28.36 20.86
N THR B 208 -12.86 -27.48 19.91
CA THR B 208 -13.59 -27.83 18.69
C THR B 208 -13.28 -26.83 17.60
N PRO B 209 -13.17 -27.25 16.34
CA PRO B 209 -12.97 -26.28 15.24
C PRO B 209 -14.10 -25.28 15.11
N LYS B 210 -15.28 -25.60 15.64
CA LYS B 210 -16.40 -24.67 15.62
C LYS B 210 -16.07 -23.39 16.38
N SER B 211 -15.17 -23.45 17.36
CA SER B 211 -14.78 -22.24 18.09
C SER B 211 -13.92 -21.32 17.24
N ASP B 212 -13.07 -21.89 16.36
CA ASP B 212 -12.33 -21.06 15.41
C ASP B 212 -13.28 -20.27 14.52
N ILE B 213 -14.38 -20.90 14.08
CA ILE B 213 -15.36 -20.23 13.23
C ILE B 213 -15.97 -19.04 13.94
N TYR B 214 -16.39 -19.23 15.19
CA TYR B 214 -16.94 -18.14 15.99
C TYR B 214 -15.96 -16.98 16.12
N SER B 215 -14.71 -17.28 16.49
CA SER B 215 -13.68 -16.24 16.60
C SER B 215 -13.49 -15.51 15.28
N PHE B 216 -13.51 -16.24 14.15
CA PHE B 216 -13.39 -15.57 12.86
C PHE B 216 -14.57 -14.64 12.63
N GLY B 217 -15.74 -15.00 13.15
CA GLY B 217 -16.88 -14.10 13.08
C GLY B 217 -16.62 -12.77 13.74
N VAL B 218 -15.95 -12.79 14.90
CA VAL B 218 -15.59 -11.54 15.56
C VAL B 218 -14.63 -10.73 14.68
N VAL B 219 -13.64 -11.39 14.07
CA VAL B 219 -12.71 -10.72 13.16
C VAL B 219 -13.48 -10.05 12.01
N LEU B 220 -14.48 -10.74 11.47
CA LEU B 220 -15.29 -10.16 10.40
C LEU B 220 -16.03 -8.90 10.88
N LEU B 221 -16.51 -8.91 12.12
CA LEU B 221 -17.13 -7.71 12.69
C LEU B 221 -16.13 -6.58 12.82
N GLU B 222 -14.88 -6.90 13.20
CA GLU B 222 -13.83 -5.89 13.25
C GLU B 222 -13.58 -5.29 11.87
N ILE B 223 -13.53 -6.15 10.85
CA ILE B 223 -13.28 -5.68 9.49
C ILE B 223 -14.42 -4.76 9.03
N ILE B 224 -15.67 -5.13 9.31
CA ILE B 224 -16.82 -4.33 8.90
C ILE B 224 -16.85 -2.99 9.63
N THR B 225 -16.62 -3.01 10.94
CA THR B 225 -16.83 -1.83 11.79
C THR B 225 -15.57 -1.00 12.02
N GLY B 226 -14.39 -1.56 11.78
CA GLY B 226 -13.14 -0.93 12.15
C GLY B 226 -12.96 -0.79 13.66
N LEU B 227 -13.80 -1.46 14.43
CA LEU B 227 -13.75 -1.40 15.89
C LEU B 227 -13.02 -2.60 16.47
N PRO B 228 -12.25 -2.44 17.53
CA PRO B 228 -11.62 -3.60 18.18
C PRO B 228 -12.63 -4.43 18.96
N ALA B 229 -12.27 -5.70 19.16
CA ALA B 229 -13.19 -6.63 19.82
C ALA B 229 -13.52 -6.22 21.24
N VAL B 230 -12.61 -5.52 21.91
CA VAL B 230 -12.89 -4.97 23.23
C VAL B 230 -12.32 -3.55 23.28
N ASP B 231 -13.05 -2.64 23.92
CA ASP B 231 -12.59 -1.26 24.12
C ASP B 231 -13.22 -0.81 25.44
N GLU B 232 -12.39 -0.70 26.48
CA GLU B 232 -12.91 -0.40 27.81
C GLU B 232 -13.58 0.96 27.87
N HIS B 233 -13.23 1.89 26.97
CA HIS B 233 -13.79 3.23 27.01
C HIS B 233 -14.96 3.40 26.06
N ARG B 234 -15.52 2.29 25.59
CA ARG B 234 -16.63 2.30 24.65
C ARG B 234 -17.85 1.67 25.29
N GLU B 235 -19.02 2.16 24.94
CA GLU B 235 -20.26 1.50 25.33
C GLU B 235 -20.95 1.02 24.07
N PRO B 236 -21.14 -0.29 23.86
CA PRO B 236 -20.69 -1.40 24.71
C PRO B 236 -19.19 -1.67 24.61
N GLN B 237 -18.63 -2.25 25.67
CA GLN B 237 -17.20 -2.57 25.69
C GLN B 237 -16.87 -3.71 24.73
N LEU B 238 -17.75 -4.71 24.62
CA LEU B 238 -17.50 -5.89 23.82
C LEU B 238 -18.18 -5.79 22.47
N LEU B 239 -17.42 -5.99 21.40
CA LEU B 239 -17.97 -5.90 20.06
C LEU B 239 -19.07 -6.93 19.84
N LEU B 240 -18.96 -8.09 20.50
CA LEU B 240 -20.01 -9.11 20.46
CA LEU B 240 -20.03 -9.04 20.32
C LEU B 240 -21.35 -8.56 20.93
N ASP B 241 -21.31 -7.69 21.96
CA ASP B 241 -22.55 -7.10 22.46
C ASP B 241 -23.15 -6.11 21.45
N ILE B 242 -22.31 -5.49 20.62
CA ILE B 242 -22.83 -4.58 19.61
C ILE B 242 -23.61 -5.37 18.57
N LYS B 243 -23.20 -6.62 18.32
CA LYS B 243 -23.93 -7.46 17.38
C LYS B 243 -25.34 -7.74 17.88
N GLU B 244 -25.50 -7.94 19.19
CA GLU B 244 -26.83 -8.21 19.74
C GLU B 244 -27.73 -7.00 19.63
N GLU B 245 -27.17 -5.78 19.77
CA GLU B 245 -27.95 -4.56 19.56
C GLU B 245 -28.54 -4.53 18.16
N ILE B 246 -27.78 -5.01 17.18
CA ILE B 246 -28.26 -5.04 15.80
C ILE B 246 -29.35 -6.10 15.65
N GLU B 247 -29.11 -7.28 16.22
CA GLU B 247 -30.13 -8.34 16.16
C GLU B 247 -31.40 -7.91 16.88
N ASP B 248 -31.28 -7.20 18.00
CA ASP B 248 -32.43 -6.72 18.75
C ASP B 248 -32.98 -5.42 18.20
N GLU B 249 -32.48 -4.97 17.05
CA GLU B 249 -32.94 -3.76 16.34
C GLU B 249 -32.85 -2.50 17.20
N GLU B 250 -32.01 -2.51 18.24
CA GLU B 250 -31.63 -1.28 18.92
C GLU B 250 -30.68 -0.44 18.07
N LYS B 251 -29.97 -1.06 17.12
CA LYS B 251 -29.06 -0.38 16.21
C LYS B 251 -29.17 -1.06 14.84
N THR B 252 -28.54 -0.46 13.84
CA THR B 252 -28.48 -1.06 12.52
C THR B 252 -27.02 -1.32 12.17
N ILE B 253 -26.80 -2.19 11.19
CA ILE B 253 -25.43 -2.44 10.75
C ILE B 253 -24.84 -1.16 10.16
N GLU B 254 -25.68 -0.33 9.54
CA GLU B 254 -25.18 0.92 8.96
C GLU B 254 -24.70 1.88 10.03
N ASP B 255 -25.33 1.85 11.22
CA ASP B 255 -24.82 2.64 12.34
C ASP B 255 -23.36 2.33 12.65
N TYR B 256 -22.92 1.09 12.40
CA TYR B 256 -21.61 0.65 12.86
C TYR B 256 -20.62 0.42 11.74
N ILE B 257 -21.03 0.51 10.47
CA ILE B 257 -20.07 0.33 9.38
C ILE B 257 -18.96 1.36 9.54
N ASP B 258 -17.71 0.92 9.37
CA ASP B 258 -16.56 1.82 9.44
C ASP B 258 -16.75 3.01 8.49
N LYS B 259 -16.77 4.21 9.04
CA LYS B 259 -16.91 5.39 8.19
C LYS B 259 -15.62 5.76 7.44
N LYS B 260 -14.49 5.14 7.78
CA LYS B 260 -13.22 5.46 7.14
C LYS B 260 -13.03 4.71 5.81
N MET B 261 -14.09 4.56 5.02
CA MET B 261 -14.04 3.95 3.70
C MET B 261 -14.94 4.73 2.77
N ASN B 262 -14.59 4.76 1.48
CA ASN B 262 -15.47 5.36 0.50
C ASN B 262 -15.98 4.36 -0.53
N ASP B 263 -15.60 3.09 -0.44
CA ASP B 263 -15.92 2.13 -1.49
C ASP B 263 -16.72 0.94 -0.95
N ALA B 264 -17.35 1.10 0.20
CA ALA B 264 -18.14 0.03 0.80
C ALA B 264 -19.56 0.11 0.23
N ASP B 265 -19.97 -0.88 -0.52
CA ASP B 265 -21.36 -0.89 -0.95
C ASP B 265 -22.20 -1.70 0.03
N SER B 266 -23.45 -1.25 0.23
CA SER B 266 -24.31 -1.84 1.25
C SER B 266 -24.51 -3.33 1.04
N THR B 267 -24.70 -3.75 -0.21
CA THR B 267 -25.02 -5.14 -0.52
C THR B 267 -23.90 -6.07 -0.08
N SER B 268 -22.66 -5.74 -0.40
CA SER B 268 -21.60 -6.65 0.00
C SER B 268 -21.27 -6.52 1.47
N VAL B 269 -21.46 -5.33 2.05
CA VAL B 269 -21.25 -5.19 3.50
C VAL B 269 -22.27 -6.02 4.27
N GLU B 270 -23.54 -5.97 3.84
CA GLU B 270 -24.56 -6.82 4.42
C GLU B 270 -24.23 -8.30 4.21
N ALA B 271 -23.66 -8.65 3.06
CA ALA B 271 -23.29 -10.04 2.83
C ALA B 271 -22.18 -10.47 3.80
N MET B 272 -21.16 -9.64 3.99
CA MET B 272 -20.15 -10.03 4.95
C MET B 272 -20.73 -10.05 6.36
N TYR B 273 -21.64 -9.13 6.68
CA TYR B 273 -22.25 -9.17 8.00
C TYR B 273 -23.07 -10.46 8.18
N SER B 274 -23.75 -10.91 7.13
CA SER B 274 -24.49 -12.15 7.22
C SER B 274 -23.58 -13.33 7.50
N VAL B 275 -22.41 -13.37 6.86
CA VAL B 275 -21.44 -14.43 7.17
C VAL B 275 -21.03 -14.36 8.64
N ALA B 276 -20.70 -13.15 9.09
CA ALA B 276 -20.26 -12.97 10.48
C ALA B 276 -21.34 -13.42 11.45
N SER B 277 -22.59 -13.05 11.17
CA SER B 277 -23.68 -13.41 12.07
C SER B 277 -23.86 -14.92 12.15
N GLN B 278 -23.67 -15.63 11.04
CA GLN B 278 -23.77 -17.10 11.05
C GLN B 278 -22.62 -17.71 11.85
N CYS B 279 -21.42 -17.19 11.66
CA CYS B 279 -20.26 -17.64 12.44
C CYS B 279 -20.50 -17.48 13.94
N LEU B 280 -21.26 -16.48 14.34
CA LEU B 280 -21.43 -16.14 15.75
C LEU B 280 -22.65 -16.81 16.36
N HIS B 281 -23.22 -17.79 15.67
CA HIS B 281 -24.37 -18.50 16.19
C HIS B 281 -23.99 -19.10 17.53
N GLU B 282 -24.86 -18.90 18.52
CA GLU B 282 -24.56 -19.33 19.87
C GLU B 282 -24.46 -20.85 19.97
N LYS B 283 -25.28 -21.57 19.21
CA LYS B 283 -25.22 -23.03 19.16
C LYS B 283 -24.17 -23.42 18.12
N LYS B 284 -23.07 -24.03 18.59
CA LYS B 284 -21.92 -24.29 17.73
C LYS B 284 -22.28 -25.13 16.52
N ASN B 285 -23.22 -26.07 16.65
CA ASN B 285 -23.56 -26.94 15.52
C ASN B 285 -24.37 -26.20 14.47
N LYS B 286 -24.86 -25.00 14.75
CA LYS B 286 -25.54 -24.19 13.75
C LYS B 286 -24.59 -23.29 12.97
N ARG B 287 -23.32 -23.20 13.37
CA ARG B 287 -22.36 -22.38 12.63
C ARG B 287 -21.95 -23.06 11.32
N PRO B 288 -21.62 -22.29 10.30
CA PRO B 288 -21.08 -22.92 9.08
C PRO B 288 -19.69 -23.49 9.34
N ASP B 289 -19.33 -24.51 8.58
CA ASP B 289 -17.93 -24.92 8.66
C ASP B 289 -17.09 -24.00 7.77
N ILE B 290 -15.76 -24.17 7.85
CA ILE B 290 -14.91 -23.18 7.20
C ILE B 290 -15.10 -23.23 5.69
N LYS B 291 -15.41 -24.41 5.13
CA LYS B 291 -15.64 -24.50 3.68
C LYS B 291 -16.84 -23.65 3.26
N LYS B 292 -17.92 -23.69 4.04
CA LYS B 292 -19.07 -22.83 3.76
C LYS B 292 -18.72 -21.36 3.93
N VAL B 293 -17.97 -21.02 4.98
CA VAL B 293 -17.53 -19.63 5.16
C VAL B 293 -16.74 -19.16 3.95
N GLN B 294 -15.79 -19.97 3.51
CA GLN B 294 -14.98 -19.63 2.34
C GLN B 294 -15.86 -19.43 1.11
N GLN B 295 -16.84 -20.31 0.88
CA GLN B 295 -17.73 -20.18 -0.27
C GLN B 295 -18.57 -18.90 -0.19
N LEU B 296 -19.15 -18.62 0.98
CA LEU B 296 -19.96 -17.41 1.13
C LEU B 296 -19.13 -16.16 0.89
N LEU B 297 -17.90 -16.15 1.39
CA LEU B 297 -17.03 -15.00 1.15
C LEU B 297 -16.72 -14.85 -0.33
N GLN B 298 -16.62 -15.98 -1.07
CA GLN B 298 -16.39 -15.91 -2.52
C GLN B 298 -17.61 -15.36 -3.25
N GLU B 299 -18.81 -15.82 -2.89
CA GLU B 299 -20.01 -15.29 -3.52
C GLU B 299 -20.18 -13.80 -3.25
N MET B 300 -19.68 -13.33 -2.10
CA MET B 300 -19.82 -11.93 -1.72
C MET B 300 -19.23 -10.99 -2.78
N THR B 301 -18.09 -11.35 -3.36
CA THR B 301 -17.42 -10.48 -4.32
C THR B 301 -17.60 -10.96 -5.75
N ALA B 302 -18.41 -11.99 -5.98
CA ALA B 302 -18.63 -12.54 -7.31
C ALA B 302 -19.62 -11.68 -8.10
N THR C 6 -5.29 -47.93 -17.29
CA THR C 6 -4.53 -47.11 -16.36
C THR C 6 -5.39 -46.70 -15.15
N ARG C 7 -4.75 -46.24 -14.08
CA ARG C 7 -5.39 -45.96 -12.81
C ARG C 7 -5.97 -44.56 -12.71
N PHE C 8 -6.10 -43.86 -13.81
CA PHE C 8 -6.64 -42.52 -13.85
C PHE C 8 -8.09 -42.58 -14.30
N HIS C 9 -8.83 -41.51 -14.03
CA HIS C 9 -10.26 -41.52 -14.32
C HIS C 9 -10.52 -41.20 -15.78
N SER C 10 -11.30 -42.03 -16.43
CA SER C 10 -11.69 -41.82 -17.83
C SER C 10 -12.93 -40.93 -17.88
N PHE C 11 -12.76 -39.69 -18.35
CA PHE C 11 -13.88 -38.78 -18.58
C PHE C 11 -14.36 -38.92 -20.02
N SER C 12 -15.62 -38.59 -20.25
CA SER C 12 -16.10 -38.39 -21.61
C SER C 12 -15.87 -36.94 -22.01
N PHE C 13 -15.77 -36.71 -23.31
CA PHE C 13 -15.53 -35.35 -23.80
C PHE C 13 -16.69 -34.42 -23.41
N TYR C 14 -17.94 -34.94 -23.44
CA TYR C 14 -19.10 -34.13 -23.07
C TYR C 14 -19.05 -33.74 -21.59
N GLU C 15 -18.63 -34.67 -20.73
CA GLU C 15 -18.45 -34.35 -19.33
CA GLU C 15 -18.43 -34.36 -19.32
C GLU C 15 -17.45 -33.21 -19.15
N LEU C 16 -16.35 -33.22 -19.92
CA LEU C 16 -15.37 -32.16 -19.79
C LEU C 16 -15.86 -30.84 -20.37
N LYS C 17 -16.75 -30.89 -21.35
CA LYS C 17 -17.48 -29.67 -21.72
C LYS C 17 -18.16 -29.08 -20.49
N ASN C 18 -18.89 -29.93 -19.76
CA ASN C 18 -19.59 -29.53 -18.55
C ASN C 18 -18.62 -29.08 -17.46
N VAL C 19 -17.38 -29.55 -17.52
CA VAL C 19 -16.40 -29.14 -16.52
C VAL C 19 -15.79 -27.78 -16.85
N THR C 20 -15.81 -27.37 -18.12
CA THR C 20 -15.11 -26.17 -18.58
C THR C 20 -16.03 -25.13 -19.23
N ASN C 21 -17.31 -25.12 -18.91
CA ASN C 21 -18.28 -24.26 -19.60
C ASN C 21 -18.13 -24.41 -21.12
N ASN C 22 -18.10 -25.65 -21.57
CA ASN C 22 -17.98 -25.99 -22.99
C ASN C 22 -16.69 -25.44 -23.59
N PHE C 23 -15.58 -25.61 -22.87
CA PHE C 23 -14.26 -25.13 -23.32
C PHE C 23 -14.33 -23.66 -23.74
N ASP C 24 -14.83 -22.85 -22.82
CA ASP C 24 -15.04 -21.43 -23.06
C ASP C 24 -13.70 -20.77 -23.37
N GLU C 25 -13.53 -20.31 -24.61
CA GLU C 25 -12.25 -19.81 -25.10
C GLU C 25 -11.89 -18.44 -24.57
N ARG C 26 -12.83 -17.73 -23.94
CA ARG C 26 -12.50 -16.42 -23.41
C ARG C 26 -11.51 -16.54 -22.26
N PRO C 27 -10.65 -15.53 -22.08
CA PRO C 27 -9.73 -15.52 -20.93
C PRO C 27 -10.48 -15.56 -19.61
N ILE C 28 -9.76 -16.02 -18.58
CA ILE C 28 -10.31 -16.09 -17.23
C ILE C 28 -10.87 -14.73 -16.80
N SER C 29 -10.10 -13.66 -17.03
CA SER C 29 -10.45 -12.36 -16.45
C SER C 29 -11.80 -11.84 -16.95
N VAL C 30 -12.23 -12.28 -18.13
CA VAL C 30 -13.50 -11.82 -18.70
C VAL C 30 -14.65 -12.78 -18.43
N GLY C 31 -14.40 -13.88 -17.72
CA GLY C 31 -15.42 -14.85 -17.42
C GLY C 31 -15.33 -16.15 -18.18
N GLY C 32 -14.30 -16.34 -19.00
CA GLY C 32 -14.10 -17.57 -19.74
C GLY C 32 -13.32 -18.59 -18.94
N ASN C 33 -12.81 -19.60 -19.65
CA ASN C 33 -12.13 -20.70 -18.99
C ASN C 33 -10.72 -20.95 -19.50
N LYS C 34 -10.28 -20.24 -20.53
CA LYS C 34 -8.97 -20.46 -21.13
C LYS C 34 -7.88 -19.81 -20.28
N MET C 35 -6.92 -20.60 -19.83
CA MET C 35 -5.80 -20.05 -19.08
C MET C 35 -4.59 -19.77 -19.95
N GLY C 36 -4.35 -20.59 -20.96
CA GLY C 36 -3.20 -20.36 -21.81
C GLY C 36 -2.97 -21.55 -22.70
N GLU C 37 -1.87 -21.47 -23.44
CA GLU C 37 -1.46 -22.50 -24.39
C GLU C 37 -0.03 -22.89 -24.08
N GLY C 38 0.28 -24.15 -24.27
CA GLY C 38 1.62 -24.65 -24.06
C GLY C 38 1.62 -26.15 -24.00
N GLY C 39 2.81 -26.72 -24.16
CA GLY C 39 2.94 -28.16 -24.21
C GLY C 39 2.05 -28.81 -25.26
N PHE C 40 1.87 -28.13 -26.39
CA PHE C 40 1.10 -28.62 -27.52
C PHE C 40 -0.38 -28.80 -27.19
N GLY C 41 -0.89 -27.96 -26.29
CA GLY C 41 -2.30 -28.00 -25.97
C GLY C 41 -2.78 -26.64 -25.48
N VAL C 42 -4.10 -26.53 -25.35
CA VAL C 42 -4.75 -25.38 -24.74
C VAL C 42 -5.31 -25.83 -23.41
N VAL C 43 -5.05 -25.05 -22.36
CA VAL C 43 -5.35 -25.45 -20.98
C VAL C 43 -6.47 -24.58 -20.44
N TYR C 44 -7.50 -25.24 -19.89
CA TYR C 44 -8.71 -24.59 -19.42
C TYR C 44 -8.88 -24.85 -17.93
N LYS C 45 -9.48 -23.88 -17.24
CA LYS C 45 -9.88 -24.03 -15.85
C LYS C 45 -11.24 -24.69 -15.79
N GLY C 46 -11.40 -25.64 -14.88
CA GLY C 46 -12.63 -26.35 -14.68
C GLY C 46 -12.92 -26.68 -13.24
N TYR C 47 -14.10 -27.25 -13.01
CA TYR C 47 -14.56 -27.66 -11.68
C TYR C 47 -15.15 -29.06 -11.78
N VAL C 48 -14.62 -29.98 -10.96
CA VAL C 48 -15.11 -31.34 -10.87
C VAL C 48 -15.45 -31.54 -9.41
N ASN C 49 -16.73 -31.72 -9.10
CA ASN C 49 -17.21 -31.80 -7.73
C ASN C 49 -16.76 -30.50 -7.08
N ASN C 50 -16.15 -30.53 -5.89
CA ASN C 50 -15.70 -29.30 -5.24
C ASN C 50 -14.23 -29.02 -5.54
N THR C 51 -13.66 -29.66 -6.56
CA THR C 51 -12.25 -29.56 -6.87
C THR C 51 -12.04 -28.72 -8.13
N THR C 52 -11.17 -27.73 -8.04
CA THR C 52 -10.75 -27.00 -9.22
C THR C 52 -9.74 -27.83 -9.99
N VAL C 53 -9.88 -27.88 -11.32
CA VAL C 53 -9.00 -28.69 -12.16
C VAL C 53 -8.50 -27.84 -13.32
N ALA C 54 -7.42 -28.32 -13.94
CA ALA C 54 -6.93 -27.84 -15.23
C ALA C 54 -7.16 -28.92 -16.28
N VAL C 55 -7.71 -28.53 -17.43
CA VAL C 55 -7.97 -29.47 -18.51
C VAL C 55 -7.13 -29.02 -19.70
N LYS C 56 -6.17 -29.85 -20.08
CA LYS C 56 -5.33 -29.61 -21.25
C LYS C 56 -5.95 -30.36 -22.42
N LYS C 57 -6.41 -29.62 -23.42
CA LYS C 57 -7.00 -30.18 -24.62
C LYS C 57 -5.94 -30.11 -25.71
N LEU C 58 -5.51 -31.27 -26.21
CA LEU C 58 -4.40 -31.34 -27.15
C LEU C 58 -4.80 -30.78 -28.51
N ALA C 59 -3.94 -29.95 -29.09
CA ALA C 59 -4.27 -29.26 -30.32
C ALA C 59 -3.78 -29.98 -31.57
N ASP C 63 2.95 -27.94 -36.97
CA ASP C 63 1.91 -28.80 -37.52
C ASP C 63 2.21 -30.27 -37.21
N ILE C 64 1.67 -30.76 -36.09
CA ILE C 64 1.95 -32.10 -35.58
C ILE C 64 0.97 -33.10 -36.19
N THR C 65 1.47 -34.33 -36.39
CA THR C 65 0.69 -35.41 -36.98
C THR C 65 -0.43 -35.86 -36.03
N THR C 66 -1.40 -36.60 -36.59
CA THR C 66 -2.47 -37.14 -35.77
C THR C 66 -1.96 -38.28 -34.89
N GLU C 67 -1.25 -39.24 -35.49
CA GLU C 67 -0.70 -40.35 -34.72
C GLU C 67 0.36 -39.87 -33.73
N GLU C 68 1.15 -38.86 -34.11
CA GLU C 68 2.14 -38.29 -33.21
C GLU C 68 1.48 -37.58 -32.03
N LEU C 69 0.31 -36.99 -32.23
CA LEU C 69 -0.41 -36.36 -31.13
C LEU C 69 -0.89 -37.42 -30.14
N LYS C 70 -1.37 -38.55 -30.65
CA LYS C 70 -1.74 -39.64 -29.76
C LYS C 70 -0.53 -40.12 -28.97
N GLN C 71 0.65 -40.15 -29.61
CA GLN C 71 1.86 -40.55 -28.90
C GLN C 71 2.19 -39.60 -27.78
N GLN C 72 2.08 -38.29 -28.02
CA GLN C 72 2.31 -37.32 -26.93
C GLN C 72 1.30 -37.52 -25.80
N PHE C 73 0.06 -37.86 -26.16
CA PHE C 73 -0.97 -38.14 -25.17
C PHE C 73 -0.59 -39.33 -24.30
N ASP C 74 -0.24 -40.46 -24.93
CA ASP C 74 0.14 -41.65 -24.19
C ASP C 74 1.40 -41.43 -23.36
N GLN C 75 2.33 -40.61 -23.83
CA GLN C 75 3.56 -40.37 -23.08
C GLN C 75 3.27 -39.57 -21.83
N GLU C 76 2.41 -38.55 -21.95
CA GLU C 76 1.94 -37.82 -20.79
CA GLU C 76 1.95 -37.83 -20.79
C GLU C 76 1.34 -38.78 -19.76
N ILE C 77 0.61 -39.80 -20.22
CA ILE C 77 -0.04 -40.70 -19.28
C ILE C 77 0.97 -41.69 -18.70
N LYS C 78 1.84 -42.23 -19.55
CA LYS C 78 2.81 -43.22 -19.09
C LYS C 78 3.76 -42.65 -18.05
N VAL C 79 4.23 -41.41 -18.26
CA VAL C 79 5.11 -40.79 -17.29
C VAL C 79 4.40 -40.60 -15.96
N MET C 80 3.13 -40.18 -16.00
CA MET C 80 2.39 -39.90 -14.78
C MET C 80 2.00 -41.17 -14.06
N ALA C 81 1.81 -42.27 -14.80
CA ALA C 81 1.46 -43.53 -14.16
C ALA C 81 2.63 -44.05 -13.34
N LYS C 82 3.85 -43.82 -13.79
CA LYS C 82 5.03 -44.29 -13.10
C LYS C 82 5.53 -43.30 -12.07
N CYS C 83 5.23 -42.02 -12.26
CA CYS C 83 5.84 -40.93 -11.51
C CYS C 83 4.80 -40.12 -10.73
N GLN C 84 4.62 -40.48 -9.46
CA GLN C 84 3.96 -39.62 -8.48
C GLN C 84 5.04 -38.94 -7.67
N HIS C 85 5.03 -37.61 -7.66
CA HIS C 85 6.08 -36.93 -6.93
C HIS C 85 5.61 -35.55 -6.48
N GLU C 86 6.20 -35.09 -5.39
N GLU C 86 6.20 -35.09 -5.38
CA GLU C 86 5.84 -33.81 -4.79
CA GLU C 86 5.83 -33.80 -4.79
C GLU C 86 6.07 -32.64 -5.74
C GLU C 86 6.05 -32.64 -5.75
N ASN C 87 7.02 -32.76 -6.67
CA ASN C 87 7.34 -31.69 -7.61
C ASN C 87 6.98 -32.02 -9.06
N LEU C 88 5.98 -32.87 -9.27
CA LEU C 88 5.34 -33.05 -10.58
C LEU C 88 3.85 -32.76 -10.45
N VAL C 89 3.27 -32.14 -11.47
CA VAL C 89 1.81 -31.94 -11.45
C VAL C 89 1.12 -33.31 -11.36
N GLU C 90 -0.09 -33.30 -10.84
CA GLU C 90 -0.80 -34.55 -10.62
C GLU C 90 -1.89 -34.73 -11.67
N LEU C 91 -1.79 -35.82 -12.43
CA LEU C 91 -2.82 -36.19 -13.40
C LEU C 91 -3.99 -36.82 -12.69
N LEU C 92 -5.19 -36.32 -12.96
CA LEU C 92 -6.40 -36.92 -12.43
C LEU C 92 -7.11 -37.82 -13.42
N GLY C 93 -7.03 -37.54 -14.71
CA GLY C 93 -7.76 -38.34 -15.68
C GLY C 93 -7.55 -37.83 -17.07
N PHE C 94 -8.38 -38.32 -17.98
CA PHE C 94 -8.19 -38.05 -19.39
C PHE C 94 -9.50 -38.32 -20.12
N SER C 95 -9.56 -37.87 -21.37
CA SER C 95 -10.67 -38.18 -22.27
CA SER C 95 -10.67 -38.20 -22.27
C SER C 95 -10.09 -38.47 -23.66
N SER C 96 -10.50 -39.59 -24.25
CA SER C 96 -10.05 -39.97 -25.58
C SER C 96 -11.20 -40.40 -26.48
N ASP C 97 -12.44 -40.27 -26.03
CA ASP C 97 -13.59 -40.73 -26.81
C ASP C 97 -14.01 -39.74 -27.89
N GLY C 98 -13.59 -38.47 -27.81
CA GLY C 98 -14.27 -37.42 -28.55
C GLY C 98 -13.46 -36.69 -29.60
N ASP C 99 -12.56 -37.41 -30.28
CA ASP C 99 -11.73 -36.86 -31.36
C ASP C 99 -10.84 -35.71 -30.89
N ASP C 100 -11.00 -35.25 -29.65
CA ASP C 100 -10.08 -34.31 -29.01
C ASP C 100 -9.56 -34.95 -27.73
N LEU C 101 -8.24 -35.13 -27.66
CA LEU C 101 -7.58 -35.69 -26.49
C LEU C 101 -7.45 -34.65 -25.38
N CYS C 102 -7.85 -35.02 -24.17
CA CYS C 102 -7.80 -34.13 -23.02
C CYS C 102 -7.12 -34.83 -21.84
N LEU C 103 -6.40 -34.03 -21.05
CA LEU C 103 -5.75 -34.48 -19.81
C LEU C 103 -6.22 -33.58 -18.68
N VAL C 104 -6.58 -34.18 -17.55
CA VAL C 104 -7.15 -33.43 -16.43
C VAL C 104 -6.19 -33.49 -15.25
N TYR C 105 -5.85 -32.32 -14.71
CA TYR C 105 -4.83 -32.18 -13.68
C TYR C 105 -5.37 -31.46 -12.45
N VAL C 106 -4.71 -31.71 -11.31
CA VAL C 106 -4.93 -30.87 -10.13
C VAL C 106 -4.55 -29.43 -10.48
N TYR C 107 -5.42 -28.49 -10.10
CA TYR C 107 -5.22 -27.08 -10.42
C TYR C 107 -4.13 -26.46 -9.54
N MET C 108 -3.20 -25.74 -10.17
CA MET C 108 -2.09 -25.06 -9.52
C MET C 108 -2.40 -23.57 -9.45
N PRO C 109 -2.87 -23.04 -8.33
CA PRO C 109 -3.51 -21.71 -8.34
C PRO C 109 -2.56 -20.56 -8.64
N ASN C 110 -1.24 -20.69 -8.44
CA ASN C 110 -0.35 -19.57 -8.71
C ASN C 110 0.31 -19.64 -10.09
N GLY C 111 -0.13 -20.54 -10.95
CA GLY C 111 0.27 -20.41 -12.33
C GLY C 111 1.74 -20.74 -12.55
N SER C 112 2.28 -20.19 -13.62
CA SER C 112 3.61 -20.61 -14.07
C SER C 112 4.69 -19.75 -13.42
N LEU C 113 5.86 -20.36 -13.24
CA LEU C 113 7.03 -19.61 -12.78
C LEU C 113 7.34 -18.44 -13.72
N LEU C 114 7.18 -18.64 -15.03
CA LEU C 114 7.41 -17.56 -15.98
C LEU C 114 6.60 -16.31 -15.62
N ASP C 115 5.30 -16.49 -15.39
CA ASP C 115 4.41 -15.35 -15.14
C ASP C 115 4.61 -14.78 -13.75
N ARG C 116 4.99 -15.61 -12.78
CA ARG C 116 5.26 -15.05 -11.46
C ARG C 116 6.58 -14.31 -11.44
N LEU C 117 7.54 -14.71 -12.27
CA LEU C 117 8.78 -13.93 -12.36
C LEU C 117 8.54 -12.60 -13.08
N SER C 118 7.60 -12.56 -14.02
CA SER C 118 7.29 -11.32 -14.70
C SER C 118 6.28 -10.47 -13.92
N CYS C 119 5.74 -11.02 -12.84
CA CYS C 119 4.68 -10.36 -12.05
C CYS C 119 3.44 -10.05 -12.89
N LEU C 120 3.18 -10.94 -13.86
CA LEU C 120 2.03 -10.78 -14.76
C LEU C 120 0.75 -10.63 -13.97
N ASP C 121 -0.09 -9.69 -14.42
CA ASP C 121 -1.34 -9.31 -13.78
C ASP C 121 -1.16 -8.68 -12.41
N GLY C 122 0.06 -8.26 -12.07
CA GLY C 122 0.29 -7.50 -10.86
C GLY C 122 0.55 -8.31 -9.61
N THR C 123 0.92 -9.58 -9.73
CA THR C 123 1.23 -10.35 -8.55
C THR C 123 2.57 -9.88 -7.96
N PRO C 124 2.76 -9.99 -6.64
CA PRO C 124 3.96 -9.44 -6.03
C PRO C 124 5.19 -10.23 -6.40
N PRO C 125 6.36 -9.58 -6.48
CA PRO C 125 7.60 -10.28 -6.83
C PRO C 125 7.93 -11.38 -5.84
N LEU C 126 8.47 -12.49 -6.35
CA LEU C 126 8.93 -13.59 -5.51
C LEU C 126 10.17 -13.17 -4.74
N SER C 127 10.20 -13.46 -3.45
CA SER C 127 11.40 -13.19 -2.68
C SER C 127 12.53 -14.15 -3.07
N TRP C 128 13.75 -13.80 -2.66
CA TRP C 128 14.88 -14.71 -2.84
C TRP C 128 14.64 -16.02 -2.10
N HIS C 129 14.10 -15.95 -0.89
CA HIS C 129 13.81 -17.16 -0.13
C HIS C 129 12.86 -18.08 -0.89
N MET C 130 11.77 -17.53 -1.47
CA MET C 130 10.85 -18.35 -2.26
CA MET C 130 10.88 -18.39 -2.23
C MET C 130 11.55 -18.93 -3.49
N ARG C 131 12.40 -18.13 -4.13
CA ARG C 131 13.07 -18.58 -5.35
C ARG C 131 14.00 -19.75 -5.07
N CYS C 132 14.67 -19.73 -3.91
CA CYS C 132 15.52 -20.87 -3.56
C CYS C 132 14.71 -22.14 -3.38
N LYS C 133 13.54 -22.05 -2.73
CA LYS C 133 12.71 -23.24 -2.57
C LYS C 133 12.16 -23.72 -3.91
N ILE C 134 11.84 -22.78 -4.80
CA ILE C 134 11.37 -23.15 -6.13
C ILE C 134 12.47 -23.84 -6.92
N ALA C 135 13.69 -23.29 -6.88
CA ALA C 135 14.78 -23.93 -7.59
C ALA C 135 15.03 -25.34 -7.04
N GLN C 136 15.00 -25.50 -5.72
CA GLN C 136 15.22 -26.83 -5.15
C GLN C 136 14.11 -27.79 -5.55
N GLY C 137 12.86 -27.34 -5.48
CA GLY C 137 11.74 -28.23 -5.83
C GLY C 137 11.79 -28.66 -7.29
N ALA C 138 12.01 -27.70 -8.19
CA ALA C 138 12.14 -28.03 -9.60
C ALA C 138 13.25 -29.05 -9.83
N ALA C 139 14.41 -28.86 -9.17
CA ALA C 139 15.49 -29.83 -9.33
C ALA C 139 15.04 -31.20 -8.84
N ASN C 140 14.28 -31.24 -7.73
CA ASN C 140 13.79 -32.51 -7.21
C ASN C 140 12.83 -33.18 -8.20
N GLY C 141 12.01 -32.39 -8.89
CA GLY C 141 11.13 -32.96 -9.89
C GLY C 141 11.91 -33.56 -11.05
N ILE C 142 12.90 -32.82 -11.56
CA ILE C 142 13.72 -33.34 -12.65
C ILE C 142 14.48 -34.58 -12.21
N ASN C 143 15.00 -34.57 -10.99
CA ASN C 143 15.70 -35.75 -10.49
C ASN C 143 14.79 -36.97 -10.51
N PHE C 144 13.53 -36.79 -10.10
CA PHE C 144 12.62 -37.93 -10.08
C PHE C 144 12.40 -38.47 -11.49
N LEU C 145 12.28 -37.58 -12.47
CA LEU C 145 12.10 -38.00 -13.86
C LEU C 145 13.31 -38.80 -14.33
N HIS C 146 14.52 -38.25 -14.12
CA HIS C 146 15.72 -38.93 -14.60
C HIS C 146 15.92 -40.25 -13.88
N GLU C 147 15.60 -40.32 -12.58
CA GLU C 147 15.67 -41.60 -11.86
C GLU C 147 14.73 -42.63 -12.46
N ASN C 148 13.57 -42.22 -12.94
CA ASN C 148 12.68 -43.16 -13.61
C ASN C 148 12.93 -43.23 -15.10
N HIS C 149 14.12 -42.79 -15.54
CA HIS C 149 14.61 -42.99 -16.90
C HIS C 149 13.76 -42.28 -17.93
N HIS C 150 13.37 -41.04 -17.62
CA HIS C 150 12.66 -40.20 -18.56
C HIS C 150 13.47 -38.92 -18.80
N ILE C 151 13.53 -38.51 -20.07
CA ILE C 151 14.03 -37.22 -20.49
C ILE C 151 12.84 -36.32 -20.73
N HIS C 152 12.85 -35.12 -20.18
CA HIS C 152 11.65 -34.27 -20.28
C HIS C 152 11.54 -33.62 -21.65
N ARG C 153 12.63 -32.98 -22.10
CA ARG C 153 12.83 -32.34 -23.40
C ARG C 153 12.13 -30.99 -23.54
N ASP C 154 11.44 -30.48 -22.52
CA ASP C 154 10.77 -29.18 -22.67
C ASP C 154 10.80 -28.44 -21.34
N ILE C 155 11.95 -28.47 -20.66
CA ILE C 155 12.12 -27.80 -19.37
CA ILE C 155 12.09 -27.80 -19.38
C ILE C 155 12.22 -26.29 -19.61
N LYS C 156 11.31 -25.55 -18.99
CA LYS C 156 11.28 -24.09 -19.08
C LYS C 156 10.30 -23.59 -18.04
N SER C 157 10.42 -22.29 -17.74
CA SER C 157 9.66 -21.70 -16.64
C SER C 157 8.16 -21.67 -16.92
N ALA C 158 7.76 -21.68 -18.21
CA ALA C 158 6.34 -21.80 -18.53
C ALA C 158 5.80 -23.19 -18.19
N ASN C 159 6.69 -24.18 -18.03
CA ASN C 159 6.31 -25.55 -17.71
C ASN C 159 6.73 -25.93 -16.28
N ILE C 160 6.81 -24.94 -15.40
CA ILE C 160 6.98 -25.15 -13.97
C ILE C 160 5.87 -24.35 -13.31
N LEU C 161 4.96 -25.05 -12.64
CA LEU C 161 3.80 -24.42 -12.04
C LEU C 161 3.99 -24.29 -10.53
N LEU C 162 3.13 -23.48 -9.90
CA LEU C 162 3.26 -23.13 -8.49
C LEU C 162 1.93 -23.32 -7.79
N ASP C 163 1.92 -24.11 -6.71
CA ASP C 163 0.67 -24.39 -6.02
C ASP C 163 0.41 -23.32 -4.97
N GLU C 164 -0.53 -23.60 -4.05
CA GLU C 164 -0.95 -22.60 -3.08
C GLU C 164 0.11 -22.31 -2.02
N ALA C 165 1.19 -23.09 -1.98
CA ALA C 165 2.34 -22.80 -1.12
C ALA C 165 3.56 -22.43 -1.95
N PHE C 166 3.34 -22.15 -3.24
CA PHE C 166 4.41 -21.84 -4.18
C PHE C 166 5.43 -22.98 -4.25
N THR C 167 4.95 -24.21 -4.05
CA THR C 167 5.74 -25.40 -4.39
C THR C 167 5.81 -25.54 -5.91
N ALA C 168 7.01 -25.83 -6.42
CA ALA C 168 7.22 -25.96 -7.87
C ALA C 168 6.85 -27.35 -8.35
N LYS C 169 6.12 -27.39 -9.47
CA LYS C 169 5.72 -28.67 -10.07
C LYS C 169 6.00 -28.64 -11.56
N ILE C 170 6.80 -29.60 -12.04
CA ILE C 170 7.07 -29.72 -13.47
CA ILE C 170 7.06 -29.73 -13.47
C ILE C 170 5.80 -30.18 -14.17
N SER C 171 5.55 -29.65 -15.37
CA SER C 171 4.41 -30.04 -16.17
C SER C 171 4.84 -30.30 -17.62
N ASP C 172 3.89 -30.83 -18.41
CA ASP C 172 4.00 -30.95 -19.86
C ASP C 172 5.03 -32.00 -20.27
N PHE C 173 4.61 -33.26 -20.24
CA PHE C 173 5.50 -34.38 -20.49
C PHE C 173 5.29 -34.99 -21.87
N GLY C 174 4.60 -34.28 -22.76
CA GLY C 174 4.25 -34.87 -24.05
C GLY C 174 5.44 -35.21 -24.92
N LEU C 175 6.56 -34.53 -24.72
CA LEU C 175 7.78 -34.81 -25.48
C LEU C 175 8.69 -35.81 -24.80
N ALA C 176 8.33 -36.30 -23.61
CA ALA C 176 9.25 -37.12 -22.83
C ALA C 176 9.69 -38.35 -23.60
N ARG C 177 10.95 -38.73 -23.40
CA ARG C 177 11.53 -39.92 -24.02
C ARG C 177 12.17 -40.78 -22.95
N ALA C 178 12.12 -42.10 -23.16
CA ALA C 178 12.82 -43.03 -22.30
C ALA C 178 14.33 -42.91 -22.51
N SER C 179 15.08 -43.08 -21.42
CA SER C 179 16.54 -43.04 -21.44
C SER C 179 17.04 -44.27 -20.69
N GLU C 180 17.53 -45.26 -21.43
CA GLU C 180 17.98 -46.52 -20.83
C GLU C 180 19.32 -46.37 -20.11
N GLN C 184 23.56 -45.21 -25.20
CA GLN C 184 24.21 -44.33 -26.18
C GLN C 184 23.23 -43.32 -26.76
N TPO C 185 23.58 -42.03 -26.61
CA TPO C 185 22.75 -40.90 -27.05
CB TPO C 185 23.44 -39.62 -26.69
CG2 TPO C 185 22.79 -38.42 -27.41
OG1 TPO C 185 23.22 -39.46 -25.29
P TPO C 185 24.60 -39.56 -24.46
O1P TPO C 185 25.65 -38.67 -25.02
O2P TPO C 185 25.17 -41.07 -24.49
O3P TPO C 185 24.23 -39.13 -22.95
C TPO C 185 22.40 -40.94 -28.54
O TPO C 185 23.26 -41.08 -29.41
N VAL C 186 21.12 -40.77 -28.80
CA VAL C 186 20.48 -40.95 -30.09
C VAL C 186 20.06 -39.60 -30.69
N MET C 187 20.04 -39.49 -32.02
CA MET C 187 19.48 -38.30 -32.66
C MET C 187 18.04 -38.55 -33.09
N TPO C 188 17.28 -37.47 -33.22
CA TPO C 188 15.96 -37.49 -33.83
CB TPO C 188 14.88 -37.04 -32.84
CG2 TPO C 188 15.23 -35.65 -32.30
OG1 TPO C 188 13.63 -36.90 -33.53
P TPO C 188 12.74 -38.26 -33.54
O1P TPO C 188 11.40 -37.83 -33.15
O2P TPO C 188 12.68 -38.92 -35.01
O3P TPO C 188 13.27 -39.34 -32.46
C TPO C 188 16.00 -36.56 -35.04
O TPO C 188 16.78 -35.62 -35.08
N SEP C 189 15.11 -36.83 -36.00
CA SEP C 189 15.01 -35.99 -37.18
CB SEP C 189 14.46 -36.81 -38.34
OG SEP C 189 13.36 -37.55 -37.87
C SEP C 189 14.10 -34.78 -36.93
O SEP C 189 14.21 -33.76 -37.61
P SEP C 189 12.59 -38.27 -39.09
O1P SEP C 189 11.52 -37.24 -39.72
O2P SEP C 189 13.66 -38.72 -40.22
O3P SEP C 189 11.84 -39.57 -38.50
N ARG C 190 13.22 -34.90 -35.95
CA ARG C 190 12.27 -33.84 -35.60
C ARG C 190 12.71 -33.04 -34.38
N ILE C 191 13.34 -31.90 -34.61
CA ILE C 191 13.86 -31.09 -33.50
C ILE C 191 12.74 -30.24 -32.93
N VAL C 192 12.44 -30.44 -31.65
CA VAL C 192 11.33 -29.76 -31.00
C VAL C 192 11.82 -29.15 -29.70
N GLY C 193 11.17 -28.07 -29.30
CA GLY C 193 11.52 -27.38 -28.07
C GLY C 193 11.56 -25.89 -28.29
N THR C 194 11.88 -25.14 -27.25
CA THR C 194 12.01 -23.69 -27.31
C THR C 194 13.49 -23.34 -27.38
N THR C 195 13.91 -22.69 -28.46
CA THR C 195 15.32 -22.47 -28.74
C THR C 195 16.06 -21.80 -27.59
N ALA C 196 15.44 -20.80 -26.95
CA ALA C 196 16.11 -20.06 -25.90
C ALA C 196 16.47 -20.94 -24.71
N TYR C 197 15.88 -22.13 -24.60
CA TYR C 197 16.18 -23.03 -23.51
C TYR C 197 17.05 -24.21 -23.93
N MET C 198 17.33 -24.37 -25.21
CA MET C 198 17.88 -25.65 -25.67
C MET C 198 19.40 -25.68 -25.67
N ALA C 199 19.93 -26.81 -25.22
CA ALA C 199 21.36 -27.08 -25.32
C ALA C 199 21.79 -27.16 -26.79
N PRO C 200 23.04 -26.83 -27.09
CA PRO C 200 23.51 -26.96 -28.48
C PRO C 200 23.30 -28.36 -29.04
N GLU C 201 23.56 -29.43 -28.27
CA GLU C 201 23.39 -30.75 -28.85
C GLU C 201 21.90 -31.05 -29.11
N ALA C 202 20.99 -30.50 -28.30
CA ALA C 202 19.57 -30.69 -28.57
C ALA C 202 19.16 -30.00 -29.87
N LEU C 203 19.74 -28.82 -30.14
CA LEU C 203 19.50 -28.12 -31.41
C LEU C 203 20.05 -28.87 -32.62
N ARG C 204 21.04 -29.73 -32.42
CA ARG C 204 21.52 -30.61 -33.48
C ARG C 204 20.72 -31.89 -33.57
N GLY C 205 19.71 -32.07 -32.72
CA GLY C 205 18.87 -33.25 -32.78
C GLY C 205 19.19 -34.38 -31.82
N GLU C 206 20.17 -34.23 -30.92
CA GLU C 206 20.44 -35.28 -29.96
C GLU C 206 19.37 -35.33 -28.87
N ILE C 207 19.13 -36.53 -28.35
CA ILE C 207 18.20 -36.79 -27.24
C ILE C 207 19.02 -37.31 -26.07
N THR C 208 19.09 -36.54 -24.97
CA THR C 208 19.87 -36.93 -23.81
C THR C 208 19.41 -36.20 -22.57
N PRO C 209 19.42 -36.83 -21.38
CA PRO C 209 19.09 -36.10 -20.15
C PRO C 209 20.02 -34.93 -19.88
N LYS C 210 21.23 -34.95 -20.46
CA LYS C 210 22.16 -33.83 -20.30
C LYS C 210 21.58 -32.54 -20.85
N SER C 211 20.69 -32.62 -21.83
CA SER C 211 20.05 -31.42 -22.36
C SER C 211 19.02 -30.86 -21.38
N ASP C 212 18.34 -31.73 -20.61
CA ASP C 212 17.46 -31.24 -19.54
C ASP C 212 18.23 -30.37 -18.54
N ILE C 213 19.46 -30.78 -18.22
CA ILE C 213 20.29 -30.04 -17.27
C ILE C 213 20.58 -28.64 -17.79
N TYR C 214 20.96 -28.52 -19.06
CA TYR C 214 21.22 -27.22 -19.66
C TYR C 214 19.98 -26.32 -19.57
N SER C 215 18.81 -26.85 -19.97
CA SER C 215 17.57 -26.08 -19.88
C SER C 215 17.31 -25.61 -18.47
N PHE C 216 17.58 -26.46 -17.49
CA PHE C 216 17.37 -26.06 -16.11
C PHE C 216 18.32 -24.93 -15.75
N GLY C 217 19.55 -24.96 -16.28
CA GLY C 217 20.47 -23.85 -16.09
C GLY C 217 19.90 -22.53 -16.57
N VAL C 218 19.19 -22.55 -17.69
CA VAL C 218 18.52 -21.34 -18.16
C VAL C 218 17.45 -20.89 -17.17
N VAL C 219 16.65 -21.83 -16.67
CA VAL C 219 15.61 -21.50 -15.68
C VAL C 219 16.23 -20.86 -14.44
N LEU C 220 17.37 -21.39 -13.98
CA LEU C 220 18.03 -20.80 -12.82
C LEU C 220 18.43 -19.35 -13.10
N LEU C 221 18.89 -19.05 -14.32
CA LEU C 221 19.19 -17.66 -14.66
C LEU C 221 17.92 -16.80 -14.65
N GLU C 222 16.80 -17.34 -15.15
CA GLU C 222 15.52 -16.64 -15.03
C GLU C 222 15.18 -16.37 -13.56
N ILE C 223 15.39 -17.36 -12.70
CA ILE C 223 15.10 -17.17 -11.28
C ILE C 223 15.99 -16.07 -10.69
N ILE C 224 17.29 -16.10 -11.00
CA ILE C 224 18.22 -15.12 -10.43
C ILE C 224 17.91 -13.72 -10.92
N THR C 225 17.64 -13.56 -12.22
CA THR C 225 17.56 -12.24 -12.82
C THR C 225 16.14 -11.71 -12.95
N GLY C 226 15.13 -12.58 -12.85
CA GLY C 226 13.77 -12.21 -13.19
C GLY C 226 13.55 -11.87 -14.65
N LEU C 227 14.50 -12.18 -15.52
CA LEU C 227 14.39 -11.88 -16.95
C LEU C 227 13.89 -13.10 -17.71
N PRO C 228 13.10 -12.93 -18.75
CA PRO C 228 12.75 -14.08 -19.59
C PRO C 228 13.94 -14.54 -20.42
N ALA C 229 13.93 -15.82 -20.77
CA ALA C 229 15.08 -16.43 -21.44
C ALA C 229 15.33 -15.80 -22.79
N VAL C 230 14.29 -15.28 -23.44
CA VAL C 230 14.44 -14.59 -24.71
C VAL C 230 13.62 -13.31 -24.67
N ASP C 231 14.18 -12.24 -25.21
CA ASP C 231 13.49 -10.96 -25.33
C ASP C 231 14.09 -10.30 -26.56
N GLU C 232 13.32 -10.25 -27.65
CA GLU C 232 13.83 -9.72 -28.91
C GLU C 232 14.19 -8.25 -28.84
N HIS C 233 13.62 -7.50 -27.89
CA HIS C 233 13.86 -6.06 -27.76
C HIS C 233 14.87 -5.74 -26.64
N ARG C 234 15.64 -6.72 -26.21
CA ARG C 234 16.60 -6.59 -25.15
C ARG C 234 18.01 -6.90 -25.67
N GLU C 235 19.02 -6.29 -25.05
CA GLU C 235 20.41 -6.65 -25.28
C GLU C 235 20.96 -7.26 -24.00
N PRO C 236 21.42 -8.52 -23.97
CA PRO C 236 21.41 -9.51 -25.06
C PRO C 236 20.01 -10.08 -25.26
N GLN C 237 19.67 -10.57 -26.46
CA GLN C 237 18.34 -11.13 -26.64
C GLN C 237 18.19 -12.43 -25.87
N LEU C 238 19.22 -13.25 -25.82
CA LEU C 238 19.15 -14.54 -25.14
C LEU C 238 19.80 -14.41 -23.77
N LEU C 239 19.04 -14.78 -22.74
CA LEU C 239 19.51 -14.65 -21.37
C LEU C 239 20.81 -15.42 -21.14
N LEU C 240 20.95 -16.57 -21.80
CA LEU C 240 22.11 -17.42 -21.52
C LEU C 240 23.43 -16.74 -21.93
N ASP C 241 23.36 -15.68 -22.74
CA ASP C 241 24.54 -14.89 -23.09
C ASP C 241 25.19 -14.20 -21.89
N ILE C 242 24.45 -13.95 -20.80
CA ILE C 242 25.09 -13.27 -19.68
C ILE C 242 26.17 -14.14 -19.06
N LYS C 243 26.09 -15.47 -19.21
CA LYS C 243 27.14 -16.32 -18.66
C LYS C 243 28.50 -15.96 -19.27
N GLU C 244 28.56 -15.78 -20.59
CA GLU C 244 29.81 -15.43 -21.23
C GLU C 244 30.25 -14.01 -20.88
N GLU C 245 29.28 -13.09 -20.77
CA GLU C 245 29.60 -11.74 -20.31
C GLU C 245 30.27 -11.78 -18.94
N ILE C 246 29.71 -12.54 -18.01
CA ILE C 246 30.29 -12.62 -16.67
C ILE C 246 31.66 -13.29 -16.69
N GLU C 247 31.80 -14.38 -17.48
CA GLU C 247 33.10 -15.04 -17.59
C GLU C 247 34.16 -14.12 -18.17
N ASP C 248 33.78 -13.31 -19.14
CA ASP C 248 34.73 -12.37 -19.73
C ASP C 248 34.87 -11.08 -18.92
N GLU C 249 34.24 -11.04 -17.74
CA GLU C 249 34.32 -9.91 -16.82
C GLU C 249 33.84 -8.61 -17.46
N GLU C 250 33.02 -8.70 -18.50
CA GLU C 250 32.31 -7.52 -18.98
C GLU C 250 31.15 -7.16 -18.06
N LYS C 251 30.65 -8.12 -17.29
CA LYS C 251 29.56 -7.93 -16.35
C LYS C 251 29.81 -8.79 -15.12
N THR C 252 28.99 -8.56 -14.10
CA THR C 252 28.98 -9.37 -12.89
C THR C 252 27.57 -9.91 -12.68
N ILE C 253 27.44 -10.92 -11.83
CA ILE C 253 26.10 -11.42 -11.56
C ILE C 253 25.24 -10.35 -10.86
N GLU C 254 25.86 -9.43 -10.10
CA GLU C 254 25.12 -8.36 -9.45
CA GLU C 254 25.12 -8.36 -9.46
C GLU C 254 24.51 -7.40 -10.47
N ASP C 255 25.17 -7.19 -11.62
CA ASP C 255 24.59 -6.38 -12.68
C ASP C 255 23.23 -6.90 -13.11
N TYR C 256 23.00 -8.21 -12.99
CA TYR C 256 21.80 -8.82 -13.53
C TYR C 256 20.84 -9.35 -12.48
N ILE C 257 21.22 -9.34 -11.20
CA ILE C 257 20.31 -9.82 -10.17
C ILE C 257 19.00 -9.05 -10.23
N ASP C 258 17.89 -9.77 -10.11
CA ASP C 258 16.58 -9.14 -10.10
C ASP C 258 16.53 -8.09 -8.99
N LYS C 259 16.27 -6.85 -9.37
CA LYS C 259 16.18 -5.76 -8.40
C LYS C 259 14.85 -5.77 -7.63
N LYS C 260 13.89 -6.59 -8.03
CA LYS C 260 12.59 -6.63 -7.35
C LYS C 260 12.61 -7.57 -6.13
N MET C 261 13.72 -7.64 -5.40
CA MET C 261 13.84 -8.46 -4.20
C MET C 261 14.60 -7.64 -3.16
N ASN C 262 14.32 -7.91 -1.90
CA ASN C 262 15.09 -7.28 -0.84
C ASN C 262 15.91 -8.25 0.02
N ASP C 263 15.82 -9.56 -0.23
CA ASP C 263 16.41 -10.55 0.68
C ASP C 263 17.47 -11.43 0.03
N ALA C 264 18.07 -11.00 -1.07
CA ALA C 264 19.11 -11.79 -1.72
C ALA C 264 20.46 -11.51 -1.06
N ASP C 265 21.11 -12.55 -0.53
CA ASP C 265 22.46 -12.40 -0.04
C ASP C 265 23.45 -12.86 -1.11
N SER C 266 24.62 -12.21 -1.17
CA SER C 266 25.61 -12.52 -2.21
C SER C 266 26.02 -13.98 -2.18
N THR C 267 26.21 -14.55 -0.97
CA THR C 267 26.71 -15.93 -0.88
C THR C 267 25.77 -16.92 -1.58
N SER C 268 24.48 -16.87 -1.28
CA SER C 268 23.60 -17.87 -1.89
C SER C 268 23.30 -17.55 -3.35
N VAL C 269 23.31 -16.26 -3.73
CA VAL C 269 23.17 -15.90 -5.15
C VAL C 269 24.36 -16.43 -5.95
N GLU C 270 25.56 -16.25 -5.42
CA GLU C 270 26.75 -16.80 -6.06
C GLU C 270 26.66 -18.31 -6.17
N ALA C 271 26.13 -18.96 -5.13
CA ALA C 271 26.01 -20.42 -5.16
C ALA C 271 25.02 -20.86 -6.22
N MET C 272 23.85 -20.20 -6.29
CA MET C 272 22.91 -20.58 -7.32
C MET C 272 23.45 -20.24 -8.71
N TYR C 273 24.16 -19.12 -8.85
CA TYR C 273 24.72 -18.80 -10.15
C TYR C 273 25.76 -19.84 -10.56
N SER C 274 26.56 -20.31 -9.61
CA SER C 274 27.56 -21.33 -9.91
C SER C 274 26.90 -22.61 -10.44
N VAL C 275 25.77 -23.01 -9.83
CA VAL C 275 25.05 -24.17 -10.32
C VAL C 275 24.58 -23.93 -11.76
N ALA C 276 23.97 -22.78 -12.00
CA ALA C 276 23.49 -22.47 -13.34
C ALA C 276 24.64 -22.48 -14.34
N SER C 277 25.76 -21.86 -13.97
CA SER C 277 26.91 -21.81 -14.86
C SER C 277 27.38 -23.22 -15.24
N GLN C 278 27.48 -24.11 -14.25
CA GLN C 278 27.86 -25.49 -14.53
C GLN C 278 26.85 -26.18 -15.44
N CYS C 279 25.54 -25.97 -15.18
CA CYS C 279 24.50 -26.55 -16.02
C CYS C 279 24.63 -26.11 -17.48
N LEU C 280 25.11 -24.90 -17.71
CA LEU C 280 25.16 -24.31 -19.04
C LEU C 280 26.49 -24.58 -19.76
N HIS C 281 27.32 -25.51 -19.26
CA HIS C 281 28.55 -25.85 -19.99
C HIS C 281 28.19 -26.27 -21.41
N GLU C 282 28.90 -25.73 -22.39
CA GLU C 282 28.48 -26.00 -23.75
C GLU C 282 28.76 -27.44 -24.16
N LYS C 283 29.66 -28.13 -23.46
CA LYS C 283 29.94 -29.55 -23.70
C LYS C 283 29.08 -30.42 -22.78
N LYS C 284 28.23 -31.25 -23.38
CA LYS C 284 27.23 -31.99 -22.61
C LYS C 284 27.87 -32.88 -21.52
N ASN C 285 29.00 -33.50 -21.80
CA ASN C 285 29.59 -34.42 -20.83
C ASN C 285 30.26 -33.70 -19.66
N LYS C 286 30.41 -32.37 -19.72
CA LYS C 286 31.00 -31.59 -18.63
C LYS C 286 29.95 -31.02 -17.68
N ARG C 287 28.67 -31.15 -17.99
CA ARG C 287 27.63 -30.68 -17.07
C ARG C 287 27.48 -31.65 -15.90
N PRO C 288 27.07 -31.17 -14.73
CA PRO C 288 26.71 -32.10 -13.66
C PRO C 288 25.44 -32.85 -14.03
N ASP C 289 25.27 -34.03 -13.45
CA ASP C 289 23.97 -34.67 -13.59
C ASP C 289 23.00 -34.11 -12.55
N ILE C 290 21.73 -34.53 -12.64
CA ILE C 290 20.71 -33.88 -11.82
C ILE C 290 20.94 -34.13 -10.33
N LYS C 291 21.52 -35.28 -9.96
CA LYS C 291 21.78 -35.54 -8.55
C LYS C 291 22.79 -34.54 -7.99
N LYS C 292 23.84 -34.24 -8.75
CA LYS C 292 24.80 -33.22 -8.33
C LYS C 292 24.13 -31.84 -8.24
N VAL C 293 23.27 -31.50 -9.21
CA VAL C 293 22.53 -30.23 -9.15
C VAL C 293 21.69 -30.17 -7.87
N GLN C 294 20.98 -31.25 -7.58
CA GLN C 294 20.15 -31.31 -6.38
C GLN C 294 20.97 -31.10 -5.12
N GLN C 295 22.13 -31.76 -5.05
CA GLN C 295 23.00 -31.62 -3.88
C GLN C 295 23.50 -30.19 -3.72
N LEU C 296 23.97 -29.58 -4.81
CA LEU C 296 24.50 -28.22 -4.73
C LEU C 296 23.42 -27.22 -4.32
N LEU C 297 22.19 -27.39 -4.84
CA LEU C 297 21.12 -26.49 -4.43
C LEU C 297 20.74 -26.68 -2.98
N GLN C 298 20.85 -27.92 -2.46
CA GLN C 298 20.59 -28.16 -1.04
C GLN C 298 21.66 -27.54 -0.17
N GLU C 299 22.93 -27.70 -0.55
CA GLU C 299 24.00 -27.09 0.23
C GLU C 299 23.86 -25.58 0.26
N MET C 300 23.27 -25.01 -0.78
CA MET C 300 23.09 -23.56 -0.87
C MET C 300 22.35 -23.00 0.36
N THR C 301 21.33 -23.72 0.85
CA THR C 301 20.55 -23.25 1.98
C THR C 301 20.76 -24.06 3.27
N ALA C 302 21.79 -24.90 3.34
CA ALA C 302 21.90 -25.82 4.46
C ALA C 302 22.29 -25.12 5.77
N SER C 303 21.77 -25.65 6.87
CA SER C 303 22.01 -25.11 8.21
C SER C 303 22.56 -26.17 9.16
N ARG D 7 9.06 30.24 10.06
CA ARG D 7 9.26 29.89 8.66
C ARG D 7 10.01 28.54 8.55
N PHE D 8 11.25 28.58 8.09
CA PHE D 8 12.05 27.38 8.03
C PHE D 8 13.06 27.39 9.18
N HIS D 9 13.50 26.20 9.60
CA HIS D 9 14.46 26.07 10.67
C HIS D 9 15.88 26.10 10.11
N SER D 10 16.74 26.89 10.73
CA SER D 10 18.14 26.93 10.34
C SER D 10 18.90 25.87 11.14
N PHE D 11 19.40 24.85 10.44
CA PHE D 11 20.28 23.85 11.04
C PHE D 11 21.73 24.21 10.82
N SER D 12 22.58 23.70 11.69
CA SER D 12 24.01 23.66 11.44
C SER D 12 24.37 22.34 10.77
N PHE D 13 25.49 22.34 10.05
CA PHE D 13 25.94 21.09 9.43
C PHE D 13 26.19 20.03 10.50
N TYR D 14 26.68 20.45 11.66
CA TYR D 14 26.95 19.54 12.77
C TYR D 14 25.67 18.86 13.27
N GLU D 15 24.57 19.61 13.36
CA GLU D 15 23.29 19.02 13.76
C GLU D 15 22.84 17.97 12.75
N LEU D 16 22.97 18.28 11.46
CA LEU D 16 22.52 17.32 10.45
C LEU D 16 23.39 16.08 10.41
N LYS D 17 24.67 16.17 10.76
CA LYS D 17 25.45 14.96 11.00
C LYS D 17 24.78 14.10 12.06
N ASN D 18 24.35 14.73 13.16
CA ASN D 18 23.68 14.02 14.25
C ASN D 18 22.33 13.47 13.83
N VAL D 19 21.71 14.04 12.80
CA VAL D 19 20.41 13.57 12.34
C VAL D 19 20.54 12.39 11.39
N THR D 20 21.70 12.21 10.73
CA THR D 20 21.88 11.25 9.65
C THR D 20 22.96 10.22 9.92
N ASN D 21 23.29 9.94 11.18
CA ASN D 21 24.42 9.07 11.51
C ASN D 21 25.67 9.51 10.78
N ASN D 22 25.92 10.82 10.79
CA ASN D 22 27.11 11.41 10.17
C ASN D 22 27.13 11.13 8.66
N PHE D 23 25.99 11.35 8.00
CA PHE D 23 25.81 11.10 6.58
C PHE D 23 26.32 9.71 6.20
N ASP D 24 25.79 8.72 6.90
CA ASP D 24 26.14 7.31 6.70
C ASP D 24 25.80 6.91 5.27
N GLU D 25 26.82 6.64 4.46
CA GLU D 25 26.74 6.42 3.03
C GLU D 25 26.19 5.06 2.65
N ARG D 26 26.11 4.12 3.59
CA ARG D 26 25.58 2.80 3.29
C ARG D 26 24.09 2.89 2.98
N PRO D 27 23.57 1.99 2.16
CA PRO D 27 22.13 1.96 1.86
C PRO D 27 21.30 1.75 3.12
N ILE D 28 20.06 2.22 3.04
CA ILE D 28 19.08 2.05 4.13
C ILE D 28 18.97 0.58 4.53
N SER D 29 18.89 -0.31 3.54
CA SER D 29 18.58 -1.71 3.83
C SER D 29 19.62 -2.37 4.71
N VAL D 30 20.88 -1.90 4.69
CA VAL D 30 21.93 -2.51 5.49
C VAL D 30 22.14 -1.79 6.81
N GLY D 31 21.34 -0.76 7.10
CA GLY D 31 21.45 -0.01 8.34
C GLY D 31 22.03 1.36 8.17
N GLY D 32 22.32 1.79 6.93
CA GLY D 32 22.86 3.10 6.66
C GLY D 32 21.78 4.14 6.47
N ASN D 33 22.17 5.29 5.91
CA ASN D 33 21.26 6.41 5.80
C ASN D 33 21.10 6.96 4.40
N LYS D 34 21.85 6.46 3.41
CA LYS D 34 21.75 7.01 2.06
C LYS D 34 20.56 6.40 1.34
N MET D 35 19.65 7.25 0.88
CA MET D 35 18.53 6.75 0.10
C MET D 35 18.78 6.81 -1.40
N GLY D 36 19.47 7.82 -1.88
CA GLY D 36 19.73 7.90 -3.30
C GLY D 36 20.30 9.26 -3.68
N GLU D 37 20.38 9.48 -4.98
CA GLU D 37 20.94 10.70 -5.53
C GLU D 37 20.02 11.22 -6.62
N GLY D 38 19.98 12.53 -6.76
CA GLY D 38 19.21 13.14 -7.83
C GLY D 38 18.99 14.59 -7.51
N GLY D 39 18.58 15.34 -8.52
CA GLY D 39 18.41 16.78 -8.31
C GLY D 39 19.65 17.46 -7.78
N PHE D 40 20.83 17.03 -8.25
CA PHE D 40 22.13 17.64 -7.91
C PHE D 40 22.46 17.50 -6.43
N GLY D 41 21.99 16.43 -5.78
CA GLY D 41 22.32 16.20 -4.39
C GLY D 41 22.22 14.73 -4.05
N VAL D 42 22.67 14.41 -2.83
CA VAL D 42 22.55 13.07 -2.27
C VAL D 42 21.59 13.16 -1.09
N VAL D 43 20.63 12.25 -1.02
CA VAL D 43 19.55 12.38 -0.06
C VAL D 43 19.67 11.29 0.98
N TYR D 44 19.62 11.68 2.25
CA TYR D 44 19.79 10.80 3.39
C TYR D 44 18.52 10.75 4.24
N LYS D 45 18.30 9.60 4.88
CA LYS D 45 17.23 9.45 5.87
C LYS D 45 17.74 9.91 7.23
N GLY D 46 16.91 10.67 7.95
CA GLY D 46 17.29 11.17 9.25
C GLY D 46 16.13 11.16 10.23
N TYR D 47 16.45 11.47 11.49
CA TYR D 47 15.47 11.55 12.57
C TYR D 47 15.68 12.80 13.42
N VAL D 48 14.62 13.58 13.59
CA VAL D 48 14.60 14.73 14.48
C VAL D 48 13.47 14.45 15.44
N ASN D 49 13.82 14.12 16.69
CA ASN D 49 12.85 13.71 17.73
C ASN D 49 12.11 12.51 17.18
N ASN D 50 10.78 12.55 17.02
CA ASN D 50 10.02 11.43 16.49
C ASN D 50 9.67 11.61 15.02
N THR D 51 10.31 12.56 14.36
CA THR D 51 10.00 12.89 12.97
C THR D 51 11.08 12.30 12.08
N THR D 52 10.68 11.47 11.13
CA THR D 52 11.59 11.05 10.09
C THR D 52 11.71 12.18 9.08
N VAL D 53 12.95 12.49 8.66
CA VAL D 53 13.16 13.53 7.68
C VAL D 53 14.05 12.99 6.57
N ALA D 54 14.04 13.71 5.44
CA ALA D 54 14.97 13.51 4.34
C ALA D 54 15.93 14.71 4.31
N VAL D 55 17.21 14.44 4.18
CA VAL D 55 18.23 15.50 4.13
C VAL D 55 18.93 15.39 2.79
N LYS D 56 18.75 16.40 1.94
CA LYS D 56 19.42 16.47 0.65
C LYS D 56 20.67 17.31 0.82
N LYS D 57 21.84 16.69 0.61
CA LYS D 57 23.12 17.38 0.72
C LYS D 57 23.60 17.67 -0.69
N LEU D 58 23.80 18.94 -1.01
CA LEU D 58 24.12 19.29 -2.38
C LEU D 58 25.53 18.85 -2.73
N ALA D 59 25.65 18.18 -3.88
CA ALA D 59 26.89 17.55 -4.33
C ALA D 59 27.59 18.48 -5.32
N ALA D 60 28.89 18.66 -5.13
CA ALA D 60 29.69 19.35 -6.14
C ALA D 60 29.91 18.40 -7.32
N MET D 61 29.35 18.72 -8.47
CA MET D 61 29.59 17.98 -9.70
C MET D 61 30.57 18.74 -10.59
N VAL D 62 31.34 18.01 -11.39
CA VAL D 62 32.36 18.64 -12.24
C VAL D 62 31.73 19.55 -13.28
N ASP D 63 30.45 19.34 -13.61
CA ASP D 63 29.74 20.18 -14.57
C ASP D 63 29.09 21.40 -13.93
N ILE D 64 29.00 21.44 -12.61
CA ILE D 64 28.29 22.50 -11.89
C ILE D 64 29.31 23.31 -11.09
N THR D 65 29.33 24.62 -11.30
CA THR D 65 30.22 25.46 -10.52
C THR D 65 29.72 25.55 -9.08
N THR D 66 30.59 26.06 -8.20
CA THR D 66 30.22 26.21 -6.80
C THR D 66 29.13 27.26 -6.62
N GLU D 67 29.26 28.41 -7.29
CA GLU D 67 28.22 29.41 -7.19
C GLU D 67 26.92 28.93 -7.81
N GLU D 68 26.98 28.11 -8.86
CA GLU D 68 25.76 27.58 -9.46
C GLU D 68 25.05 26.64 -8.48
N LEU D 69 25.83 25.90 -7.67
CA LEU D 69 25.22 25.05 -6.66
C LEU D 69 24.57 25.87 -5.56
N LYS D 70 25.23 26.96 -5.15
CA LYS D 70 24.63 27.88 -4.19
C LYS D 70 23.35 28.49 -4.73
N GLN D 71 23.35 28.84 -6.02
CA GLN D 71 22.15 29.39 -6.64
C GLN D 71 20.99 28.38 -6.64
N GLN D 72 21.29 27.11 -6.93
CA GLN D 72 20.26 26.07 -6.84
C GLN D 72 19.70 25.95 -5.42
N PHE D 73 20.56 26.11 -4.41
CA PHE D 73 20.13 26.11 -3.02
C PHE D 73 19.17 27.26 -2.74
N ASP D 74 19.57 28.48 -3.08
CA ASP D 74 18.70 29.64 -2.87
C ASP D 74 17.39 29.51 -3.65
N GLN D 75 17.47 28.93 -4.85
CA GLN D 75 16.27 28.81 -5.66
C GLN D 75 15.29 27.82 -5.04
N GLU D 76 15.80 26.68 -4.58
CA GLU D 76 14.94 25.71 -3.92
C GLU D 76 14.20 26.37 -2.76
N ILE D 77 14.92 27.15 -1.96
CA ILE D 77 14.34 27.76 -0.78
C ILE D 77 13.28 28.80 -1.16
N LYS D 78 13.56 29.60 -2.20
CA LYS D 78 12.58 30.62 -2.63
C LYS D 78 11.29 29.96 -3.13
N VAL D 79 11.40 28.87 -3.88
CA VAL D 79 10.20 28.18 -4.34
C VAL D 79 9.45 27.57 -3.16
N MET D 80 10.17 26.93 -2.23
CA MET D 80 9.50 26.27 -1.12
C MET D 80 8.88 27.28 -0.17
N ALA D 81 9.43 28.49 -0.10
CA ALA D 81 8.84 29.54 0.72
C ALA D 81 7.53 30.06 0.12
N LYS D 82 7.44 30.09 -1.21
CA LYS D 82 6.25 30.60 -1.87
C LYS D 82 5.18 29.52 -2.09
N CYS D 83 5.56 28.26 -2.22
CA CYS D 83 4.63 27.24 -2.71
C CYS D 83 4.45 26.14 -1.68
N GLN D 84 3.26 26.11 -1.05
CA GLN D 84 2.83 24.99 -0.23
C GLN D 84 1.57 24.40 -0.85
N HIS D 85 1.54 23.09 -0.99
CA HIS D 85 0.47 22.39 -1.68
C HIS D 85 0.63 20.91 -1.38
N GLU D 86 -0.52 20.21 -1.31
CA GLU D 86 -0.49 18.78 -0.97
CA GLU D 86 -0.53 18.77 -1.01
C GLU D 86 0.34 17.96 -1.96
N ASN D 87 0.45 18.39 -3.22
CA ASN D 87 1.23 17.66 -4.20
C ASN D 87 2.62 18.26 -4.44
N LEU D 88 3.15 19.01 -3.49
CA LEU D 88 4.55 19.41 -3.48
C LEU D 88 5.19 18.96 -2.17
N VAL D 89 6.45 18.49 -2.24
CA VAL D 89 7.18 18.19 -0.99
C VAL D 89 7.29 19.46 -0.17
N GLU D 90 7.46 19.27 1.14
CA GLU D 90 7.50 20.37 2.10
C GLU D 90 8.91 20.49 2.69
N LEU D 91 9.49 21.69 2.56
CA LEU D 91 10.78 22.00 3.15
C LEU D 91 10.60 22.32 4.63
N LEU D 92 11.38 21.66 5.48
CA LEU D 92 11.36 21.96 6.90
C LEU D 92 12.50 22.90 7.33
N GLY D 93 13.63 22.84 6.64
CA GLY D 93 14.75 23.67 7.05
C GLY D 93 15.95 23.43 6.16
N PHE D 94 17.09 24.00 6.57
CA PHE D 94 18.26 24.00 5.71
C PHE D 94 19.50 24.32 6.52
N SER D 95 20.65 23.98 5.96
CA SER D 95 21.94 24.32 6.55
CA SER D 95 21.92 24.38 6.56
C SER D 95 22.87 24.86 5.47
N SER D 96 23.71 25.84 5.81
CA SER D 96 24.67 26.35 4.84
C SER D 96 26.07 26.57 5.39
N ASP D 97 26.36 26.24 6.65
CA ASP D 97 27.61 26.69 7.24
C ASP D 97 28.81 25.87 6.76
N GLY D 98 28.78 24.55 6.98
CA GLY D 98 30.01 23.76 6.87
C GLY D 98 30.52 23.45 5.47
N ASP D 99 30.59 24.47 4.60
CA ASP D 99 30.99 24.34 3.19
C ASP D 99 30.04 23.43 2.43
N ASP D 100 29.03 22.92 3.15
CA ASP D 100 28.08 21.96 2.63
C ASP D 100 26.70 22.57 2.73
N LEU D 101 25.91 22.40 1.69
CA LEU D 101 24.54 22.91 1.66
C LEU D 101 23.59 21.75 1.84
N CYS D 102 22.69 21.87 2.81
CA CYS D 102 21.71 20.81 3.08
C CYS D 102 20.31 21.41 3.16
N LEU D 103 19.34 20.64 2.68
CA LEU D 103 17.93 20.96 2.69
C LEU D 103 17.21 19.81 3.39
N VAL D 104 16.33 20.13 4.34
CA VAL D 104 15.66 19.13 5.16
C VAL D 104 14.18 19.14 4.82
N TYR D 105 13.62 17.96 4.55
CA TYR D 105 12.25 17.80 4.07
C TYR D 105 11.46 16.81 4.92
N VAL D 106 10.13 16.98 4.85
CA VAL D 106 9.22 15.97 5.34
C VAL D 106 9.47 14.68 4.57
N TYR D 107 9.54 13.56 5.31
CA TYR D 107 9.86 12.26 4.74
C TYR D 107 8.67 11.64 4.00
N MET D 108 8.94 11.13 2.80
CA MET D 108 7.93 10.48 1.97
C MET D 108 8.16 8.97 1.98
N PRO D 109 7.39 8.21 2.77
CA PRO D 109 7.81 6.82 3.05
C PRO D 109 7.77 5.89 1.85
N ASN D 110 7.00 6.17 0.80
CA ASN D 110 6.98 5.24 -0.31
C ASN D 110 7.91 5.64 -1.46
N GLY D 111 8.83 6.59 -1.21
CA GLY D 111 9.93 6.75 -2.16
C GLY D 111 9.43 7.32 -3.49
N SER D 112 10.21 7.07 -4.55
CA SER D 112 9.96 7.72 -5.83
C SER D 112 9.02 6.91 -6.71
N LEU D 113 8.26 7.63 -7.53
CA LEU D 113 7.45 6.97 -8.54
C LEU D 113 8.31 6.05 -9.43
N LEU D 114 9.54 6.49 -9.74
CA LEU D 114 10.44 5.67 -10.55
C LEU D 114 10.61 4.28 -9.93
N ASP D 115 10.93 4.24 -8.64
CA ASP D 115 11.21 2.96 -8.00
C ASP D 115 9.95 2.14 -7.76
N ARG D 116 8.81 2.80 -7.54
CA ARG D 116 7.59 2.00 -7.37
C ARG D 116 7.09 1.46 -8.71
N LEU D 117 7.37 2.14 -9.83
CA LEU D 117 7.05 1.55 -11.13
C LEU D 117 7.96 0.39 -11.47
N SER D 118 9.18 0.40 -10.98
CA SER D 118 10.08 -0.72 -11.23
C SER D 118 9.94 -1.82 -10.19
N CYS D 119 9.11 -1.60 -9.16
CA CYS D 119 8.92 -2.55 -8.06
C CYS D 119 10.22 -2.83 -7.33
N LEU D 120 11.08 -1.81 -7.28
CA LEU D 120 12.39 -1.94 -6.67
C LEU D 120 12.24 -2.44 -5.24
N ASP D 121 13.12 -3.37 -4.85
CA ASP D 121 13.13 -3.99 -3.54
C ASP D 121 11.91 -4.84 -3.26
N GLY D 122 11.13 -5.19 -4.29
CA GLY D 122 10.04 -6.12 -4.10
C GLY D 122 8.72 -5.50 -3.71
N THR D 123 8.54 -4.19 -3.89
CA THR D 123 7.23 -3.62 -3.60
C THR D 123 6.23 -4.06 -4.68
N PRO D 124 4.95 -4.19 -4.32
CA PRO D 124 3.97 -4.73 -5.28
C PRO D 124 3.71 -3.75 -6.41
N PRO D 125 3.38 -4.23 -7.60
CA PRO D 125 3.10 -3.32 -8.71
C PRO D 125 1.92 -2.41 -8.41
N LEU D 126 2.04 -1.15 -8.83
CA LEU D 126 0.95 -0.18 -8.67
C LEU D 126 -0.22 -0.54 -9.58
N SER D 127 -1.43 -0.49 -9.03
CA SER D 127 -2.59 -0.75 -9.85
C SER D 127 -2.83 0.41 -10.81
N TRP D 128 -3.63 0.15 -11.84
CA TRP D 128 -4.01 1.21 -12.77
C TRP D 128 -4.78 2.32 -12.05
N HIS D 129 -5.69 1.95 -11.14
CA HIS D 129 -6.42 2.96 -10.38
C HIS D 129 -5.48 3.85 -9.56
N MET D 130 -4.49 3.26 -8.89
CA MET D 130 -3.54 4.09 -8.16
C MET D 130 -2.72 4.96 -9.11
N ARG D 131 -2.34 4.40 -10.26
CA ARG D 131 -1.55 5.15 -11.24
C ARG D 131 -2.30 6.36 -11.74
N CYS D 132 -3.62 6.24 -11.95
CA CYS D 132 -4.39 7.41 -12.38
C CYS D 132 -4.41 8.48 -11.29
N LYS D 133 -4.54 8.07 -10.03
CA LYS D 133 -4.55 9.07 -8.96
C LYS D 133 -3.19 9.73 -8.81
N ILE D 134 -2.12 8.96 -9.00
CA ILE D 134 -0.77 9.53 -8.95
C ILE D 134 -0.58 10.52 -10.10
N ALA D 135 -1.01 10.15 -11.31
CA ALA D 135 -0.89 11.07 -12.45
C ALA D 135 -1.65 12.37 -12.19
N GLN D 136 -2.87 12.27 -11.65
CA GLN D 136 -3.66 13.45 -11.36
C GLN D 136 -2.99 14.30 -10.28
N GLY D 137 -2.48 13.67 -9.23
CA GLY D 137 -1.83 14.42 -8.17
C GLY D 137 -0.60 15.15 -8.66
N ALA D 138 0.25 14.48 -9.46
CA ALA D 138 1.43 15.13 -10.00
C ALA D 138 1.06 16.32 -10.87
N ALA D 139 0.01 16.17 -11.70
CA ALA D 139 -0.46 17.28 -12.52
C ALA D 139 -0.91 18.45 -11.67
N ASN D 140 -1.59 18.17 -10.55
CA ASN D 140 -2.03 19.25 -9.66
C ASN D 140 -0.83 19.97 -9.06
N GLY D 141 0.22 19.24 -8.73
CA GLY D 141 1.42 19.87 -8.21
C GLY D 141 2.08 20.77 -9.23
N ILE D 142 2.24 20.27 -10.46
CA ILE D 142 2.81 21.09 -11.52
C ILE D 142 1.93 22.30 -11.80
N ASN D 143 0.61 22.10 -11.83
CA ASN D 143 -0.29 23.24 -12.06
C ASN D 143 -0.11 24.32 -11.01
N PHE D 144 0.04 23.93 -9.74
CA PHE D 144 0.22 24.93 -8.70
C PHE D 144 1.52 25.70 -8.93
N LEU D 145 2.58 25.01 -9.38
CA LEU D 145 3.82 25.71 -9.68
C LEU D 145 3.63 26.74 -10.78
N HIS D 146 3.00 26.33 -11.88
CA HIS D 146 2.83 27.24 -13.01
C HIS D 146 1.90 28.40 -12.66
N GLU D 147 0.86 28.14 -11.86
CA GLU D 147 0.00 29.23 -11.37
C GLU D 147 0.78 30.22 -10.53
N ASN D 148 1.79 29.75 -9.81
CA ASN D 148 2.68 30.60 -9.04
C ASN D 148 3.89 31.04 -9.85
N HIS D 149 3.80 30.97 -11.17
CA HIS D 149 4.77 31.58 -12.08
C HIS D 149 6.16 31.00 -11.90
N HIS D 150 6.22 29.68 -11.68
CA HIS D 150 7.48 28.95 -11.67
C HIS D 150 7.47 27.80 -12.68
N ILE D 151 8.60 27.66 -13.38
CA ILE D 151 8.92 26.51 -14.24
C ILE D 151 9.81 25.57 -13.45
N HIS D 152 9.54 24.27 -13.53
CA HIS D 152 10.28 23.28 -12.74
C HIS D 152 11.63 22.92 -13.36
N ARG D 153 11.64 22.56 -14.65
CA ARG D 153 12.83 22.25 -15.47
C ARG D 153 13.45 20.89 -15.19
N ASP D 154 12.90 20.08 -14.28
CA ASP D 154 13.47 18.77 -14.00
C ASP D 154 12.36 17.78 -13.65
N ILE D 155 11.24 17.83 -14.39
CA ILE D 155 10.14 16.90 -14.16
CA ILE D 155 10.16 16.89 -14.12
C ILE D 155 10.56 15.51 -14.63
N LYS D 156 10.42 14.52 -13.77
CA LYS D 156 10.70 13.12 -14.10
C LYS D 156 10.27 12.26 -12.92
N SER D 157 10.12 10.96 -13.19
CA SER D 157 9.56 10.08 -12.17
C SER D 157 10.45 9.93 -10.94
N ALA D 158 11.78 10.15 -11.07
CA ALA D 158 12.64 10.15 -9.90
C ALA D 158 12.39 11.35 -8.98
N ASN D 159 11.75 12.40 -9.51
CA ASN D 159 11.45 13.61 -8.77
C ASN D 159 9.95 13.74 -8.50
N ILE D 160 9.26 12.60 -8.41
CA ILE D 160 7.89 12.52 -7.95
C ILE D 160 7.87 11.50 -6.83
N LEU D 161 7.54 11.94 -5.62
CA LEU D 161 7.61 11.07 -4.45
C LEU D 161 6.21 10.65 -4.01
N LEU D 162 6.15 9.61 -3.17
CA LEU D 162 4.89 9.02 -2.77
C LEU D 162 4.86 8.93 -1.25
N ASP D 163 3.83 9.50 -0.62
CA ASP D 163 3.76 9.46 0.83
C ASP D 163 3.07 8.17 1.27
N GLU D 164 2.69 8.10 2.54
CA GLU D 164 2.22 6.84 3.13
C GLU D 164 0.94 6.35 2.46
N ALA D 165 0.12 7.28 1.95
CA ALA D 165 -1.11 6.98 1.23
C ALA D 165 -0.94 7.07 -0.29
N PHE D 166 0.31 7.09 -0.77
CA PHE D 166 0.66 7.17 -2.18
C PHE D 166 0.13 8.45 -2.85
N THR D 167 0.02 9.53 -2.10
CA THR D 167 -0.19 10.85 -2.68
C THR D 167 1.11 11.28 -3.34
N ALA D 168 1.01 11.82 -4.57
CA ALA D 168 2.21 12.20 -5.33
C ALA D 168 2.67 13.59 -4.94
N LYS D 169 3.98 13.76 -4.81
CA LYS D 169 4.57 15.07 -4.51
C LYS D 169 5.72 15.37 -5.46
N ILE D 170 5.63 16.50 -6.15
CA ILE D 170 6.77 16.99 -6.92
C ILE D 170 7.89 17.41 -5.98
N SER D 171 9.13 17.04 -6.33
CA SER D 171 10.30 17.41 -5.53
C SER D 171 11.37 18.00 -6.46
N ASP D 172 12.44 18.53 -5.85
CA ASP D 172 13.67 18.95 -6.54
C ASP D 172 13.48 20.20 -7.39
N PHE D 173 13.51 21.35 -6.74
CA PHE D 173 13.24 22.63 -7.39
C PHE D 173 14.52 23.43 -7.60
N GLY D 174 15.68 22.76 -7.59
CA GLY D 174 16.93 23.50 -7.70
C GLY D 174 17.11 24.21 -9.03
N LEU D 175 16.47 23.72 -10.09
CA LEU D 175 16.54 24.36 -11.40
C LEU D 175 15.37 25.29 -11.67
N ALA D 176 14.44 25.41 -10.74
CA ALA D 176 13.23 26.18 -10.99
C ALA D 176 13.55 27.62 -11.35
N ARG D 177 12.75 28.18 -12.25
CA ARG D 177 12.88 29.57 -12.68
C ARG D 177 11.53 30.25 -12.55
N ALA D 178 11.54 31.49 -12.07
CA ALA D 178 10.33 32.30 -12.18
C ALA D 178 10.21 32.79 -13.61
N SER D 179 9.01 32.69 -14.17
CA SER D 179 8.71 33.23 -15.49
C SER D 179 7.32 33.83 -15.42
N GLU D 180 7.19 35.11 -15.72
CA GLU D 180 5.87 35.73 -15.66
C GLU D 180 4.98 35.19 -16.77
N LYS D 181 3.69 35.46 -16.65
CA LYS D 181 2.71 34.96 -17.60
C LYS D 181 2.98 35.53 -19.00
N PHE D 182 2.98 34.65 -20.00
CA PHE D 182 3.11 35.04 -21.40
C PHE D 182 4.43 35.78 -21.64
N ALA D 183 5.49 35.34 -20.97
CA ALA D 183 6.81 35.91 -21.20
C ALA D 183 7.43 35.33 -22.47
N GLN D 184 8.07 36.19 -23.25
CA GLN D 184 8.84 35.74 -24.41
C GLN D 184 9.88 34.73 -23.93
N TPO D 185 9.75 33.50 -24.43
CA TPO D 185 10.62 32.37 -24.10
CB TPO D 185 10.34 31.21 -25.07
CG2 TPO D 185 11.44 30.16 -24.97
OG1 TPO D 185 9.06 30.59 -24.84
P TPO D 185 8.13 30.92 -26.13
O1P TPO D 185 7.64 32.46 -26.14
O2P TPO D 185 8.86 30.67 -27.38
O3P TPO D 185 6.84 29.95 -26.07
C TPO D 185 12.09 32.75 -24.14
O TPO D 185 12.60 33.20 -25.16
N VAL D 186 12.77 32.59 -23.00
CA VAL D 186 14.15 33.07 -22.89
C VAL D 186 15.12 31.93 -23.23
N MET D 187 16.37 32.29 -23.50
CA MET D 187 17.45 31.35 -23.76
C MET D 187 18.38 31.26 -22.56
N TPO D 188 19.02 30.11 -22.33
CA TPO D 188 20.10 30.02 -21.35
CB TPO D 188 19.70 29.17 -20.12
CG2 TPO D 188 19.32 27.73 -20.51
OG1 TPO D 188 20.81 29.06 -19.23
P TPO D 188 20.89 30.25 -18.12
O1P TPO D 188 19.50 31.09 -18.14
O2P TPO D 188 22.15 31.19 -18.43
O3P TPO D 188 21.09 29.65 -16.79
C TPO D 188 21.37 29.44 -22.00
O TPO D 188 21.30 28.70 -22.98
N SEP D 189 22.52 29.77 -21.43
CA SEP D 189 23.81 29.28 -21.91
CB SEP D 189 24.86 30.37 -21.80
OG SEP D 189 24.74 31.00 -20.55
C SEP D 189 24.26 28.06 -21.13
O SEP D 189 25.27 27.43 -21.46
P SEP D 189 25.97 32.00 -20.23
O1P SEP D 189 25.44 33.16 -19.27
O2P SEP D 189 26.57 32.59 -21.60
O3P SEP D 189 27.10 31.16 -19.43
N ARG D 190 23.52 27.73 -20.07
CA ARG D 190 23.82 26.58 -19.24
C ARG D 190 22.70 25.57 -19.39
N ILE D 191 22.84 24.65 -20.34
CA ILE D 191 21.77 23.70 -20.61
C ILE D 191 21.87 22.56 -19.61
N VAL D 192 20.85 22.43 -18.78
CA VAL D 192 20.83 21.46 -17.68
C VAL D 192 19.52 20.71 -17.71
N GLY D 193 19.54 19.49 -17.19
CA GLY D 193 18.36 18.63 -17.13
C GLY D 193 18.68 17.18 -17.43
N THR D 194 17.68 16.32 -17.43
CA THR D 194 17.88 14.89 -17.73
C THR D 194 17.44 14.66 -19.17
N THR D 195 18.40 14.32 -20.05
CA THR D 195 18.12 14.36 -21.48
C THR D 195 16.95 13.45 -21.87
N ALA D 196 16.81 12.28 -21.23
CA ALA D 196 15.74 11.36 -21.64
C ALA D 196 14.35 11.92 -21.41
N TYR D 197 14.20 12.99 -20.62
CA TYR D 197 12.91 13.60 -20.34
C TYR D 197 12.71 14.96 -21.00
N MET D 198 13.75 15.51 -21.63
CA MET D 198 13.73 16.91 -22.01
C MET D 198 13.09 17.12 -23.37
N ALA D 199 12.31 18.19 -23.47
CA ALA D 199 11.73 18.65 -24.73
C ALA D 199 12.83 19.06 -25.71
N PRO D 200 12.58 18.97 -27.02
CA PRO D 200 13.62 19.41 -27.98
C PRO D 200 14.09 20.82 -27.75
N GLU D 201 13.18 21.75 -27.45
CA GLU D 201 13.59 23.15 -27.27
C GLU D 201 14.41 23.34 -25.99
N ALA D 202 14.14 22.52 -24.96
CA ALA D 202 14.95 22.56 -23.74
C ALA D 202 16.37 22.08 -24.00
N LEU D 203 16.53 21.07 -24.87
CA LEU D 203 17.86 20.60 -25.22
C LEU D 203 18.68 21.68 -25.94
N ARG D 204 18.01 22.68 -26.53
CA ARG D 204 18.71 23.75 -27.22
CA ARG D 204 18.67 23.78 -27.24
C ARG D 204 18.90 25.01 -26.36
N GLY D 205 18.37 25.02 -25.14
CA GLY D 205 18.58 26.12 -24.23
C GLY D 205 17.39 27.02 -23.99
N GLU D 206 16.23 26.71 -24.57
CA GLU D 206 15.05 27.51 -24.26
C GLU D 206 14.53 27.17 -22.87
N ILE D 207 13.99 28.19 -22.20
CA ILE D 207 13.37 28.07 -20.90
C ILE D 207 11.92 28.45 -21.11
N THR D 208 11.02 27.48 -20.93
CA THR D 208 9.60 27.74 -21.14
C THR D 208 8.80 26.73 -20.35
N PRO D 209 7.66 27.11 -19.77
CA PRO D 209 6.82 26.12 -19.06
C PRO D 209 6.33 25.01 -19.96
N LYS D 210 6.27 25.24 -21.28
CA LYS D 210 5.88 24.20 -22.22
C LYS D 210 6.82 23.00 -22.19
N SER D 211 8.07 23.19 -21.75
CA SER D 211 8.98 22.06 -21.60
C SER D 211 8.62 21.18 -20.41
N ASP D 212 8.08 21.76 -19.32
CA ASP D 212 7.59 20.96 -18.20
C ASP D 212 6.50 20.00 -18.65
N ILE D 213 5.60 20.48 -19.52
CA ILE D 213 4.52 19.65 -20.05
C ILE D 213 5.08 18.47 -20.82
N TYR D 214 6.06 18.73 -21.68
CA TYR D 214 6.68 17.64 -22.44
C TYR D 214 7.25 16.57 -21.52
N SER D 215 8.04 16.99 -20.52
CA SER D 215 8.63 16.06 -19.56
C SER D 215 7.54 15.29 -18.81
N PHE D 216 6.45 15.96 -18.45
CA PHE D 216 5.35 15.24 -17.81
C PHE D 216 4.75 14.21 -18.75
N GLY D 217 4.73 14.49 -20.05
CA GLY D 217 4.29 13.50 -21.00
C GLY D 217 5.13 12.22 -20.93
N VAL D 218 6.44 12.36 -20.76
CA VAL D 218 7.29 11.19 -20.63
C VAL D 218 6.92 10.42 -19.36
N VAL D 219 6.67 11.15 -18.26
CA VAL D 219 6.25 10.49 -17.02
C VAL D 219 4.98 9.69 -17.23
N LEU D 220 4.01 10.26 -17.97
CA LEU D 220 2.79 9.52 -18.26
C LEU D 220 3.07 8.23 -19.02
N LEU D 221 4.02 8.26 -19.97
CA LEU D 221 4.39 7.04 -20.68
C LEU D 221 5.00 6.02 -19.71
N GLU D 222 5.84 6.49 -18.77
CA GLU D 222 6.38 5.59 -17.75
C GLU D 222 5.26 4.97 -16.94
N ILE D 223 4.25 5.78 -16.60
CA ILE D 223 3.13 5.27 -15.80
C ILE D 223 2.35 4.19 -16.56
N ILE D 224 2.05 4.45 -17.83
CA ILE D 224 1.28 3.51 -18.66
C ILE D 224 2.06 2.22 -18.90
N THR D 225 3.36 2.33 -19.19
CA THR D 225 4.15 1.19 -19.65
C THR D 225 4.93 0.50 -18.55
N GLY D 226 5.12 1.15 -17.40
CA GLY D 226 6.04 0.63 -16.40
C GLY D 226 7.49 0.62 -16.85
N LEU D 227 7.82 1.28 -17.95
CA LEU D 227 9.18 1.30 -18.46
C LEU D 227 9.90 2.59 -18.07
N PRO D 228 11.18 2.54 -17.74
CA PRO D 228 11.93 3.79 -17.51
C PRO D 228 12.19 4.54 -18.82
N ALA D 229 12.41 5.85 -18.66
CA ALA D 229 12.51 6.75 -19.81
C ALA D 229 13.71 6.39 -20.69
N VAL D 230 14.77 5.84 -20.09
CA VAL D 230 15.91 5.35 -20.85
C VAL D 230 16.34 4.01 -20.27
N ASP D 231 16.72 3.07 -21.15
CA ASP D 231 17.22 1.76 -20.72
C ASP D 231 18.24 1.35 -21.77
N GLU D 232 19.51 1.37 -21.39
CA GLU D 232 20.58 1.13 -22.37
C GLU D 232 20.48 -0.25 -22.99
N HIS D 233 19.88 -1.21 -22.30
CA HIS D 233 19.81 -2.58 -22.81
C HIS D 233 18.46 -2.90 -23.44
N ARG D 234 17.68 -1.87 -23.77
CA ARG D 234 16.35 -2.03 -24.35
C ARG D 234 16.35 -1.44 -25.76
N GLU D 235 15.57 -2.05 -26.64
CA GLU D 235 15.34 -1.50 -27.97
C GLU D 235 13.88 -1.10 -28.10
N PRO D 236 13.57 0.19 -28.31
CA PRO D 236 14.52 1.31 -28.32
C PRO D 236 14.98 1.73 -26.91
N GLN D 237 16.15 2.36 -26.85
CA GLN D 237 16.69 2.77 -25.55
C GLN D 237 15.85 3.89 -24.93
N LEU D 238 15.36 4.80 -25.74
CA LEU D 238 14.62 5.96 -25.24
C LEU D 238 13.12 5.69 -25.32
N LEU D 239 12.43 5.85 -24.20
CA LEU D 239 11.00 5.60 -24.16
C LEU D 239 10.25 6.50 -25.14
N LEU D 240 10.75 7.72 -25.37
CA LEU D 240 10.11 8.67 -26.29
CA LEU D 240 9.97 8.58 -26.23
C LEU D 240 9.97 8.11 -27.68
N ASP D 241 10.98 7.35 -28.12
CA ASP D 241 10.97 6.70 -29.43
C ASP D 241 9.85 5.69 -29.55
N ILE D 242 9.36 5.16 -28.42
CA ILE D 242 8.27 4.21 -28.48
C ILE D 242 7.00 4.91 -28.93
N LYS D 243 6.85 6.20 -28.61
CA LYS D 243 5.71 6.96 -29.11
C LYS D 243 5.66 6.99 -30.63
N GLU D 244 6.81 7.18 -31.27
CA GLU D 244 6.81 7.27 -32.72
C GLU D 244 6.48 5.93 -33.36
N GLU D 245 6.95 4.82 -32.76
CA GLU D 245 6.55 3.49 -33.22
C GLU D 245 5.04 3.34 -33.22
N ILE D 246 4.38 3.78 -32.14
CA ILE D 246 2.93 3.70 -32.07
C ILE D 246 2.30 4.62 -33.11
N GLU D 247 2.80 5.86 -33.22
CA GLU D 247 2.29 6.79 -34.21
C GLU D 247 2.54 6.29 -35.63
N ASP D 248 3.69 5.66 -35.88
CA ASP D 248 3.97 5.12 -37.20
C ASP D 248 3.36 3.73 -37.41
N GLU D 249 2.51 3.28 -36.48
CA GLU D 249 1.81 1.99 -36.53
C GLU D 249 2.74 0.80 -36.65
N GLU D 250 4.00 0.96 -36.25
CA GLU D 250 4.87 -0.19 -36.07
C GLU D 250 4.52 -0.97 -34.81
N LYS D 251 3.87 -0.33 -33.83
CA LYS D 251 3.45 -0.96 -32.59
C LYS D 251 2.13 -0.34 -32.14
N THR D 252 1.53 -0.94 -31.12
CA THR D 252 0.30 -0.42 -30.56
C THR D 252 0.55 -0.06 -29.10
N ILE D 253 -0.34 0.75 -28.54
CA ILE D 253 -0.20 1.06 -27.12
C ILE D 253 -0.38 -0.20 -26.30
N GLU D 254 -1.20 -1.14 -26.77
CA GLU D 254 -1.39 -2.38 -26.04
C GLU D 254 -0.13 -3.24 -26.02
N ASP D 255 0.71 -3.15 -27.06
CA ASP D 255 2.00 -3.81 -27.02
C ASP D 255 2.83 -3.37 -25.82
N TYR D 256 2.66 -2.13 -25.37
CA TYR D 256 3.56 -1.57 -24.37
C TYR D 256 2.92 -1.32 -23.01
N ILE D 257 1.60 -1.52 -22.88
CA ILE D 257 0.96 -1.34 -21.57
C ILE D 257 1.63 -2.26 -20.55
N ASP D 258 1.88 -1.73 -19.36
CA ASP D 258 2.47 -2.53 -18.30
C ASP D 258 1.63 -3.78 -18.07
N LYS D 259 2.22 -4.96 -18.26
CA LYS D 259 1.51 -6.21 -18.00
C LYS D 259 1.38 -6.53 -16.51
N LYS D 260 1.99 -5.73 -15.63
CA LYS D 260 1.92 -5.98 -14.18
C LYS D 260 0.71 -5.29 -13.52
N MET D 261 -0.44 -5.29 -14.19
CA MET D 261 -1.69 -4.75 -13.68
C MET D 261 -2.81 -5.67 -14.09
N ASN D 262 -3.88 -5.73 -13.28
CA ASN D 262 -5.07 -6.47 -13.66
C ASN D 262 -6.30 -5.58 -13.83
N ASP D 263 -6.18 -4.28 -13.57
CA ASP D 263 -7.34 -3.39 -13.56
C ASP D 263 -7.21 -2.26 -14.57
N ALA D 264 -6.38 -2.42 -15.59
CA ALA D 264 -6.22 -1.38 -16.60
C ALA D 264 -7.23 -1.62 -17.69
N ASP D 265 -8.24 -0.76 -17.80
CA ASP D 265 -9.16 -0.92 -18.92
C ASP D 265 -8.68 -0.08 -20.09
N SER D 266 -8.94 -0.60 -21.29
CA SER D 266 -8.43 0.01 -22.52
C SER D 266 -8.89 1.46 -22.67
N THR D 267 -10.14 1.76 -22.33
CA THR D 267 -10.68 3.09 -22.57
C THR D 267 -9.88 4.13 -21.79
N SER D 268 -9.66 3.91 -20.49
CA SER D 268 -8.95 4.92 -19.73
C SER D 268 -7.45 4.88 -20.00
N VAL D 269 -6.87 3.72 -20.33
CA VAL D 269 -5.47 3.68 -20.71
C VAL D 269 -5.26 4.50 -21.99
N GLU D 270 -6.16 4.32 -22.96
CA GLU D 270 -6.09 5.11 -24.20
C GLU D 270 -6.25 6.61 -23.90
N ALA D 271 -7.09 6.95 -22.93
CA ALA D 271 -7.25 8.37 -22.57
C ALA D 271 -5.96 8.92 -21.95
N MET D 272 -5.31 8.16 -21.07
CA MET D 272 -4.06 8.68 -20.54
C MET D 272 -3.01 8.76 -21.64
N TYR D 273 -2.97 7.78 -22.56
CA TYR D 273 -2.00 7.85 -23.64
C TYR D 273 -2.26 9.06 -24.54
N SER D 274 -3.53 9.35 -24.83
CA SER D 274 -3.85 10.54 -25.62
C SER D 274 -3.34 11.81 -24.93
N VAL D 275 -3.50 11.91 -23.61
CA VAL D 275 -2.92 13.05 -22.89
C VAL D 275 -1.41 13.09 -23.09
N ALA D 276 -0.76 11.93 -22.93
CA ALA D 276 0.69 11.86 -23.10
C ALA D 276 1.12 12.29 -24.50
N SER D 277 0.41 11.82 -25.53
CA SER D 277 0.76 12.19 -26.90
CA SER D 277 0.79 12.19 -26.89
C SER D 277 0.68 13.69 -27.11
N GLN D 278 -0.41 14.31 -26.61
CA GLN D 278 -0.55 15.76 -26.73
C GLN D 278 0.58 16.47 -26.00
N CYS D 279 0.91 16.02 -24.79
CA CYS D 279 2.03 16.60 -24.07
C CYS D 279 3.34 16.51 -24.86
N LEU D 280 3.50 15.47 -25.66
CA LEU D 280 4.75 15.18 -26.35
C LEU D 280 4.80 15.75 -27.75
N HIS D 281 3.89 16.65 -28.10
CA HIS D 281 3.95 17.27 -29.42
C HIS D 281 5.33 17.90 -29.58
N GLU D 282 5.97 17.67 -30.71
CA GLU D 282 7.32 18.19 -30.92
CA GLU D 282 7.32 18.20 -30.87
C GLU D 282 7.32 19.72 -30.95
N LYS D 283 6.29 20.31 -31.55
CA LYS D 283 6.16 21.77 -31.62
C LYS D 283 5.54 22.26 -30.31
N LYS D 284 6.31 23.04 -29.53
CA LYS D 284 5.90 23.35 -28.17
C LYS D 284 4.55 24.05 -28.10
N ASN D 285 4.21 24.89 -29.09
CA ASN D 285 2.98 25.66 -28.99
C ASN D 285 1.73 24.82 -29.23
N LYS D 286 1.86 23.58 -29.72
CA LYS D 286 0.71 22.72 -29.88
C LYS D 286 0.44 21.87 -28.64
N ARG D 287 1.33 21.91 -27.64
CA ARG D 287 1.08 21.17 -26.43
C ARG D 287 -0.01 21.85 -25.61
N PRO D 288 -0.80 21.07 -24.85
CA PRO D 288 -1.74 21.69 -23.91
C PRO D 288 -0.96 22.33 -22.77
N ASP D 289 -1.58 23.32 -22.13
CA ASP D 289 -1.00 23.82 -20.89
C ASP D 289 -1.42 22.93 -19.70
N ILE D 290 -0.82 23.18 -18.53
CA ILE D 290 -1.00 22.26 -17.41
C ILE D 290 -2.46 22.21 -16.96
N LYS D 291 -3.19 23.33 -17.09
CA LYS D 291 -4.61 23.33 -16.75
C LYS D 291 -5.40 22.42 -17.68
N LYS D 292 -5.07 22.42 -18.96
CA LYS D 292 -5.71 21.49 -19.88
C LYS D 292 -5.34 20.05 -19.54
N VAL D 293 -4.06 19.80 -19.22
CA VAL D 293 -3.66 18.45 -18.81
C VAL D 293 -4.43 18.03 -17.56
N GLN D 294 -4.51 18.93 -16.58
CA GLN D 294 -5.24 18.62 -15.35
C GLN D 294 -6.69 18.25 -15.65
N GLN D 295 -7.33 19.00 -16.54
CA GLN D 295 -8.71 18.72 -16.92
C GLN D 295 -8.86 17.37 -17.62
N LEU D 296 -7.98 17.09 -18.59
CA LEU D 296 -8.08 15.82 -19.31
C LEU D 296 -7.86 14.64 -18.38
N LEU D 297 -6.91 14.76 -17.46
CA LEU D 297 -6.70 13.67 -16.50
C LEU D 297 -7.90 13.52 -15.57
N GLN D 298 -8.58 14.61 -15.22
CA GLN D 298 -9.79 14.51 -14.39
C GLN D 298 -10.93 13.85 -15.15
N GLU D 299 -11.14 14.23 -16.41
CA GLU D 299 -12.18 13.57 -17.20
C GLU D 299 -11.90 12.08 -17.37
N MET D 300 -10.62 11.70 -17.34
CA MET D 300 -10.23 10.31 -17.54
C MET D 300 -10.92 9.37 -16.55
N THR D 301 -11.07 9.79 -15.29
CA THR D 301 -11.64 8.94 -14.25
C THR D 301 -13.09 9.30 -13.92
N ALA D 302 -13.73 10.16 -14.72
CA ALA D 302 -15.10 10.57 -14.46
C ALA D 302 -16.08 9.48 -14.90
C10 JX4 E . -17.66 23.34 3.30
C13 JX4 E . -17.93 19.81 4.45
C15 JX4 E . -19.15 18.15 5.95
C17 JX4 E . -19.50 21.34 4.55
C20 JX4 E . -18.37 28.72 4.22
C21 JX4 E . -19.16 28.13 5.19
C22 JX4 E . -19.22 26.75 5.22
C24 JX4 E . -19.93 24.68 6.41
C26 JX4 E . -20.37 24.03 8.77
C28 JX4 E . -18.63 24.31 7.13
C01 JX4 E . -15.42 19.70 1.01
C03 JX4 E . -16.58 21.58 2.06
C04 JX4 E . -15.94 22.48 1.30
C05 JX4 E . -16.15 23.87 1.50
C07 JX4 E . -16.18 26.03 1.49
C08 JX4 E . -17.05 25.68 2.48
C11 JX4 E . -17.48 22.00 3.11
C12 JX4 E . -18.22 21.07 3.99
C18 JX4 E . -17.79 26.57 3.38
C19 JX4 E . -17.67 27.95 3.30
C25 JX4 E . -21.07 24.20 7.38
N06 JX4 E . -15.64 24.92 0.88
N09 JX4 E . -17.02 24.27 2.51
N14 JX4 E . -18.97 19.39 5.22
N16 JX4 E . -19.95 20.35 5.28
N23 JX4 E . -19.98 26.08 6.13
N27 JX4 E . -19.02 24.57 8.53
N29 JX4 E . -18.54 26.00 4.32
O02 JX4 E . -16.41 20.23 1.92
C10 JX4 F . 4.61 -9.74 13.72
C13 JX4 F . 2.99 -6.68 14.90
C15 JX4 F . 1.73 -5.46 16.73
C17 JX4 F . 3.85 -8.20 16.24
C20 JX4 F . 4.90 -15.24 13.83
C21 JX4 F . 4.21 -14.93 14.98
C22 JX4 F . 3.98 -13.59 15.26
C24 JX4 F . 2.82 -11.85 16.63
C26 JX4 F . 0.81 -11.86 18.08
C28 JX4 F . 1.57 -11.52 15.78
C01 JX4 F . 5.34 -5.44 11.55
C03 JX4 F . 5.03 -7.67 12.60
C04 JX4 F . 5.65 -8.33 11.61
C05 JX4 F . 5.77 -9.74 11.63
C07 JX4 F . 6.09 -11.84 11.27
C08 JX4 F . 5.45 -11.80 12.47
C11 JX4 F . 4.49 -8.40 13.74
C12 JX4 F . 3.81 -7.77 14.87
C18 JX4 F . 5.06 -12.92 13.31
C19 JX4 F . 5.33 -14.25 12.96
C25 JX4 F . 2.36 -11.62 18.09
N06 JX4 F . 6.29 -10.57 10.75
N09 JX4 F . 5.22 -10.43 12.69
N14 JX4 F . 2.59 -6.50 16.17
N16 JX4 F . 3.13 -7.43 17.02
N23 JX4 F . 3.32 -13.18 16.37
N27 JX4 F . 0.47 -12.01 16.64
N29 JX4 F . 4.39 -12.62 14.43
O02 JX4 F . 4.89 -6.31 12.62
C1 EDO G . -2.40 -14.70 23.41
O1 EDO G . -2.53 -14.66 21.99
C2 EDO G . -3.46 -15.61 24.00
O2 EDO G . -4.74 -15.28 23.45
C10 JX4 H . -1.78 -24.30 -15.98
C13 JX4 H . -1.12 -20.76 -16.79
C15 JX4 H . -0.42 -19.08 -18.59
C17 JX4 H . -1.69 -22.33 -18.24
C20 JX4 H . -0.73 -29.66 -16.68
C21 JX4 H . -0.19 -29.08 -17.80
C22 JX4 H . -0.28 -27.68 -17.91
C24 JX4 H . 0.30 -25.56 -19.10
C26 JX4 H . 2.26 -24.93 -20.48
C28 JX4 H . 1.43 -25.02 -18.21
C01 JX4 H . -3.27 -20.71 -13.12
C03 JX4 H . -2.56 -22.56 -14.53
C04 JX4 H . -2.90 -23.46 -13.59
C05 JX4 H . -2.68 -24.84 -13.82
C07 JX4 H . -2.51 -26.97 -13.72
C08 JX4 H . -2.04 -26.63 -14.96
C11 JX4 H . -1.98 -22.97 -15.78
C12 JX4 H . -1.61 -22.04 -16.84
C18 JX4 H . -1.46 -27.54 -15.93
C19 JX4 H . -1.37 -28.90 -15.71
C25 JX4 H . 0.71 -25.10 -20.53
N06 JX4 H . -2.92 -25.86 -13.03
N09 JX4 H . -2.12 -25.23 -15.02
N14 JX4 H . -0.93 -20.35 -18.07
N16 JX4 H . -1.30 -21.32 -18.97
N23 JX4 H . 0.20 -26.99 -18.98
N27 JX4 H . 2.61 -25.27 -19.08
N29 JX4 H . -0.90 -26.96 -16.99
O02 JX4 H . -2.74 -21.23 -14.37
C10 JX4 I . 13.57 11.03 -1.20
C13 JX4 I . 14.36 7.79 -2.77
C15 JX4 I . 15.73 6.46 -4.44
C17 JX4 I . 15.74 9.49 -2.68
C20 JX4 I . 13.23 16.51 -1.45
C21 JX4 I . 14.10 16.19 -2.48
C22 JX4 I . 14.40 14.85 -2.69
C24 JX4 I . 15.42 13.08 -4.14
C26 JX4 I . 15.89 13.13 -6.56
C28 JX4 I . 14.18 12.59 -4.92
C01 JX4 I . 12.20 6.78 0.67
C03 JX4 I . 12.84 8.98 -0.20
C04 JX4 I . 12.08 9.64 0.68
C05 JX4 I . 12.02 11.04 0.66
C07 JX4 I . 11.65 13.13 0.95
C08 JX4 I . 12.54 13.09 -0.09
C11 JX4 I . 13.64 9.70 -1.19
C12 JX4 I . 14.50 9.01 -2.15
C18 JX4 I . 13.07 14.21 -0.87
C19 JX4 I . 12.69 15.53 -0.63
C25 JX4 I . 16.57 12.89 -5.17
N06 JX4 I . 11.32 11.88 1.42
N09 JX4 I . 12.78 11.72 -0.29
N14 JX4 I . 15.42 7.60 -3.58
N16 JX4 I . 16.29 8.65 -3.53
N23 JX4 I . 15.26 14.43 -3.67
N27 JX4 I . 14.43 13.06 -6.30
N29 JX4 I . 13.89 13.90 -1.89
O02 JX4 I . 12.93 7.62 -0.25
C1 EDO J . 19.28 15.94 -11.78
O1 EDO J . 17.92 15.67 -11.45
C2 EDO J . 19.34 16.86 -13.00
O2 EDO J . 18.54 16.31 -14.06
#